data_5WRY
#
_entry.id   5WRY
#
_cell.length_a   48.010
_cell.length_b   91.570
_cell.length_c   162.710
_cell.angle_alpha   90.00
_cell.angle_beta   90.00
_cell.angle_gamma   90.00
#
_symmetry.space_group_name_H-M   'P 21 21 21'
#
loop_
_entity.id
_entity.type
_entity.pdbx_description
1 polymer 'Poly [ADP-ribose] polymerase 1'
2 non-polymer N-[(3R)-1-(cyclopropylmethyl)pyrrolidin-3-yl]-5-[(2,4-dioxo-3,4-dihydroquinazolin-1(2H)-yl)methyl]-2-fluorobenzamide
3 water water
#
_entity_poly.entity_id   1
_entity_poly.type   'polypeptide(L)'
_entity_poly.pdbx_seq_one_letter_code
;HMKSKLPKPVQDLIKMIFDVESMKKAMVEYEIDLQKMPLGKLSKRQIQAAYSILSEVQQAVSQGSSDSQILDLSNRFYTL
IPHDFGMKKPPLLNNADSVQAKAEMLDNLLDIEVAYSLLRGGSDDSSKDPIDVNYEKLKTDIKVVDRDSEEAEIIRKYVK
NTHATTHNAYDLEVIDIFKIEREGECQRYKPFKQLHNRRLLWHGSRTTNFAGILSQGLRIAPPEAPVTGYMFGKGIYFAD
MVSKSANYCHTSQGDPIGLILLGEVALGNMYELKHASHISKLPKGKHSVKGLGKTTPDPSANISLDGVDVPLGTGISSGV
NDTSLLYNEYIVYDIAQVNLKYLLKLKFNFKT
;
_entity_poly.pdbx_strand_id   A,B
#
loop_
_chem_comp.id
_chem_comp.type
_chem_comp.name
_chem_comp.formula
4YR non-polymer N-[(3R)-1-(cyclopropylmethyl)pyrrolidin-3-yl]-5-[(2,4-dioxo-3,4-dihydroquinazolin-1(2H)-yl)methyl]-2-fluorobenzamide 'C24 H25 F N4 O3'
#
# COMPACT_ATOMS: atom_id res chain seq x y z
N HIS A 1 -49.51 23.40 7.99
CA HIS A 1 -49.35 21.92 7.83
C HIS A 1 -49.79 21.15 9.09
N MET A 2 -49.86 19.82 8.95
CA MET A 2 -50.35 18.92 10.02
C MET A 2 -49.55 19.00 11.33
N LYS A 3 -48.26 19.35 11.24
CA LYS A 3 -47.36 19.64 12.38
C LYS A 3 -46.46 18.45 12.79
N SER A 4 -46.68 17.28 12.18
CA SER A 4 -45.83 16.08 12.35
C SER A 4 -45.93 15.43 13.73
N LYS A 5 -46.34 14.15 13.73
CA LYS A 5 -46.54 13.39 14.96
C LYS A 5 -45.39 12.38 15.23
N LEU A 6 -44.25 12.56 14.56
CA LEU A 6 -43.02 11.82 14.89
C LEU A 6 -42.45 12.34 16.20
N PRO A 7 -41.67 11.52 16.92
CA PRO A 7 -40.97 12.02 18.12
C PRO A 7 -40.03 13.19 17.83
N LYS A 8 -39.89 14.09 18.80
CA LYS A 8 -39.08 15.31 18.64
C LYS A 8 -37.62 15.00 18.25
N PRO A 9 -37.00 13.97 18.85
CA PRO A 9 -35.65 13.56 18.43
C PRO A 9 -35.54 13.14 16.96
N VAL A 10 -36.55 12.43 16.46
CA VAL A 10 -36.57 11.99 15.06
C VAL A 10 -36.76 13.19 14.13
N GLN A 11 -37.57 14.16 14.54
CA GLN A 11 -37.74 15.41 13.78
C GLN A 11 -36.42 16.19 13.69
N ASP A 12 -35.71 16.29 14.81
CA ASP A 12 -34.42 16.98 14.85
C ASP A 12 -33.31 16.24 14.09
N LEU A 13 -33.40 14.91 14.03
CA LEU A 13 -32.50 14.10 13.19
C LEU A 13 -32.68 14.46 11.71
N ILE A 14 -33.93 14.49 11.27
CA ILE A 14 -34.28 14.81 9.88
C ILE A 14 -33.86 16.25 9.51
N LYS A 15 -34.04 17.20 10.43
CA LYS A 15 -33.57 18.59 10.25
C LYS A 15 -32.06 18.66 10.02
N MET A 16 -31.32 17.91 10.82
CA MET A 16 -29.85 17.95 10.83
C MET A 16 -29.25 17.39 9.54
N ILE A 17 -29.73 16.22 9.12
CA ILE A 17 -29.17 15.52 7.95
C ILE A 17 -29.60 16.09 6.59
N PHE A 18 -30.74 16.76 6.52
CA PHE A 18 -31.16 17.45 5.29
C PHE A 18 -30.84 18.95 5.29
N ASP A 19 -29.99 19.40 6.22
CA ASP A 19 -29.61 20.81 6.32
C ASP A 19 -28.74 21.23 5.13
N VAL A 20 -29.28 22.12 4.29
CA VAL A 20 -28.60 22.58 3.08
C VAL A 20 -27.33 23.39 3.39
N GLU A 21 -27.38 24.21 4.44
CA GLU A 21 -26.23 25.04 4.81
C GLU A 21 -25.06 24.19 5.34
N SER A 22 -25.36 23.09 6.02
CA SER A 22 -24.34 22.11 6.45
C SER A 22 -23.67 21.43 5.26
N MET A 23 -24.44 21.17 4.20
CA MET A 23 -23.90 20.61 2.95
C MET A 23 -22.93 21.60 2.29
N LYS A 24 -23.30 22.88 2.26
CA LYS A 24 -22.43 23.95 1.75
C LYS A 24 -21.18 24.09 2.61
N LYS A 25 -21.38 24.10 3.92
CA LYS A 25 -20.28 24.18 4.90
C LYS A 25 -19.28 23.04 4.75
N ALA A 26 -19.77 21.82 4.50
CA ALA A 26 -18.90 20.66 4.28
C ALA A 26 -18.04 20.81 3.02
N MET A 27 -18.64 21.35 1.95
CA MET A 27 -17.93 21.53 0.68
C MET A 27 -16.78 22.53 0.76
N VAL A 28 -17.00 23.68 1.42
CA VAL A 28 -15.93 24.68 1.55
C VAL A 28 -14.83 24.25 2.52
N GLU A 29 -15.15 23.35 3.47
CA GLU A 29 -14.11 22.71 4.31
C GLU A 29 -13.10 21.89 3.50
N TYR A 30 -13.53 21.34 2.36
CA TYR A 30 -12.65 20.69 1.39
C TYR A 30 -12.15 21.64 0.27
N GLU A 31 -12.21 22.95 0.53
CA GLU A 31 -11.69 23.99 -0.38
C GLU A 31 -12.36 24.06 -1.77
N ILE A 32 -13.64 23.69 -1.84
CA ILE A 32 -14.41 23.78 -3.09
C ILE A 32 -14.99 25.19 -3.24
N ASP A 33 -15.03 25.68 -4.48
CA ASP A 33 -15.64 26.97 -4.80
C ASP A 33 -17.15 26.79 -5.05
N LEU A 34 -17.97 27.34 -4.15
CA LEU A 34 -19.43 27.25 -4.26
C LEU A 34 -20.02 28.11 -5.37
N GLN A 35 -19.31 29.16 -5.78
CA GLN A 35 -19.73 30.00 -6.90
C GLN A 35 -19.63 29.25 -8.23
N LYS A 36 -18.49 28.59 -8.46
CA LYS A 36 -18.25 27.83 -9.68
C LYS A 36 -18.84 26.41 -9.64
N MET A 37 -18.87 25.80 -8.46
CA MET A 37 -19.48 24.48 -8.26
C MET A 37 -20.49 24.55 -7.10
N PRO A 38 -21.67 25.15 -7.35
CA PRO A 38 -22.71 25.17 -6.33
C PRO A 38 -23.33 23.80 -6.08
N LEU A 39 -24.09 23.70 -4.99
CA LEU A 39 -24.67 22.45 -4.53
C LEU A 39 -25.61 21.82 -5.56
N GLY A 40 -26.45 22.65 -6.19
CA GLY A 40 -27.36 22.19 -7.24
C GLY A 40 -26.70 21.71 -8.52
N LYS A 41 -25.50 22.23 -8.81
CA LYS A 41 -24.76 21.88 -10.02
C LYS A 41 -23.92 20.59 -9.91
N LEU A 42 -23.83 20.02 -8.70
CA LEU A 42 -23.21 18.70 -8.49
C LEU A 42 -23.90 17.59 -9.30
N SER A 43 -23.12 16.60 -9.73
CA SER A 43 -23.66 15.42 -10.40
C SER A 43 -22.71 14.22 -10.29
N LYS A 44 -23.27 13.02 -10.42
CA LYS A 44 -22.53 11.77 -10.31
C LYS A 44 -21.40 11.63 -11.34
N ARG A 45 -21.71 11.92 -12.60
CA ARG A 45 -20.75 11.72 -13.69
C ARG A 45 -19.53 12.63 -13.59
N GLN A 46 -19.71 13.85 -13.07
CA GLN A 46 -18.60 14.78 -12.89
C GLN A 46 -17.75 14.42 -11.67
N ILE A 47 -18.37 13.89 -10.62
CA ILE A 47 -17.64 13.33 -9.47
C ILE A 47 -16.86 12.08 -9.92
N GLN A 48 -17.54 11.21 -10.67
CA GLN A 48 -16.93 10.01 -11.27
C GLN A 48 -15.76 10.34 -12.20
N ALA A 49 -15.91 11.38 -13.02
CA ALA A 49 -14.85 11.85 -13.90
C ALA A 49 -13.63 12.34 -13.12
N ALA A 50 -13.88 13.09 -12.05
CA ALA A 50 -12.82 13.57 -11.15
C ALA A 50 -12.13 12.41 -10.43
N TYR A 51 -12.90 11.41 -10.03
CA TYR A 51 -12.34 10.15 -9.50
C TYR A 51 -11.34 9.53 -10.47
N SER A 52 -11.71 9.44 -11.75
CA SER A 52 -10.85 8.86 -12.79
C SER A 52 -9.54 9.61 -13.00
N ILE A 53 -9.57 10.94 -12.95
CA ILE A 53 -8.35 11.76 -13.06
C ILE A 53 -7.46 11.54 -11.83
N LEU A 54 -8.07 11.39 -10.67
CA LEU A 54 -7.34 11.09 -9.44
C LEU A 54 -6.68 9.72 -9.51
N SER A 55 -7.35 8.75 -10.14
CA SER A 55 -6.75 7.44 -10.44
C SER A 55 -5.56 7.56 -11.39
N GLU A 56 -5.63 8.51 -12.33
CA GLU A 56 -4.49 8.82 -13.20
C GLU A 56 -3.33 9.48 -12.43
N VAL A 57 -3.66 10.36 -11.49
CA VAL A 57 -2.65 11.00 -10.62
C VAL A 57 -1.97 9.94 -9.73
N GLN A 58 -2.78 9.07 -9.14
CA GLN A 58 -2.30 7.87 -8.42
C GLN A 58 -1.22 7.11 -9.19
N GLN A 59 -1.49 6.83 -10.46
CA GLN A 59 -0.60 6.06 -11.33
C GLN A 59 0.74 6.77 -11.55
N ALA A 60 0.69 8.08 -11.82
CA ALA A 60 1.90 8.90 -12.02
C ALA A 60 2.78 8.99 -10.78
N VAL A 61 2.15 9.15 -9.61
CA VAL A 61 2.86 9.23 -8.32
C VAL A 61 3.61 7.91 -8.04
N SER A 62 2.95 6.78 -8.27
CA SER A 62 3.54 5.46 -8.05
C SER A 62 4.77 5.18 -8.92
N GLN A 63 4.77 5.68 -10.16
CA GLN A 63 5.89 5.46 -11.09
C GLN A 63 6.86 6.65 -11.24
N GLY A 64 6.69 7.70 -10.43
CA GLY A 64 7.60 8.85 -10.46
C GLY A 64 7.46 9.70 -11.71
N SER A 66 7.89 13.10 -12.05
CA SER A 66 8.29 14.47 -11.72
C SER A 66 7.10 15.42 -11.68
N ASP A 67 7.36 16.66 -11.27
CA ASP A 67 6.33 17.72 -11.26
C ASP A 67 5.91 18.16 -12.66
N SER A 68 6.74 17.91 -13.67
CA SER A 68 6.45 18.25 -15.07
C SER A 68 5.18 17.58 -15.60
N GLN A 69 5.15 16.24 -15.57
CA GLN A 69 3.98 15.47 -16.05
C GLN A 69 2.80 15.54 -15.08
N ILE A 70 3.10 15.60 -13.78
CA ILE A 70 2.09 15.71 -12.72
C ILE A 70 1.24 16.99 -12.85
N LEU A 71 1.86 18.09 -13.29
CA LEU A 71 1.17 19.39 -13.45
C LEU A 71 -0.09 19.29 -14.31
N ASP A 72 0.00 18.58 -15.43
CA ASP A 72 -1.13 18.41 -16.34
C ASP A 72 -2.27 17.62 -15.69
N LEU A 73 -1.91 16.52 -15.01
CA LEU A 73 -2.89 15.69 -14.31
C LEU A 73 -3.54 16.43 -13.15
N SER A 74 -2.72 17.19 -12.43
CA SER A 74 -3.19 18.02 -11.31
C SER A 74 -4.17 19.09 -11.78
N ASN A 75 -3.84 19.76 -12.90
CA ASN A 75 -4.72 20.78 -13.49
C ASN A 75 -6.06 20.23 -14.03
N ARG A 76 -6.02 19.03 -14.61
CA ARG A 76 -7.25 18.35 -15.05
C ARG A 76 -8.23 18.12 -13.90
N PHE A 77 -7.69 17.73 -12.74
CA PHE A 77 -8.51 17.51 -11.55
C PHE A 77 -9.23 18.79 -11.10
N TYR A 78 -8.50 19.90 -11.04
CA TYR A 78 -9.07 21.20 -10.65
C TYR A 78 -10.05 21.78 -11.67
N THR A 79 -9.92 21.37 -12.93
CA THR A 79 -10.88 21.74 -13.97
C THR A 79 -12.24 21.11 -13.71
N LEU A 80 -12.26 19.83 -13.34
CA LEU A 80 -13.50 19.10 -13.10
C LEU A 80 -14.20 19.52 -11.80
N ILE A 81 -13.42 19.69 -10.74
CA ILE A 81 -13.94 20.13 -9.43
C ILE A 81 -13.27 21.47 -9.09
N PRO A 82 -13.97 22.60 -9.36
CA PRO A 82 -13.44 23.93 -9.05
C PRO A 82 -13.13 24.15 -7.56
N HIS A 83 -11.93 24.65 -7.28
CA HIS A 83 -11.48 24.93 -5.92
C HIS A 83 -11.35 26.43 -5.67
N ASP A 84 -11.46 26.81 -4.40
CA ASP A 84 -11.40 28.22 -3.99
C ASP A 84 -9.95 28.66 -3.88
N PHE A 85 -9.41 29.16 -4.99
CA PHE A 85 -8.05 29.75 -5.02
C PHE A 85 -7.93 31.09 -5.78
N GLY A 86 -9.04 31.68 -6.22
CA GLY A 86 -9.03 32.98 -6.91
C GLY A 86 -8.39 32.93 -8.29
N MET A 87 -7.44 33.84 -8.54
CA MET A 87 -6.56 33.78 -9.72
C MET A 87 -5.27 32.97 -9.44
N LYS A 88 -5.33 32.18 -8.37
CA LYS A 88 -4.67 30.88 -8.20
C LYS A 88 -3.26 30.63 -8.73
N LYS A 89 -3.09 29.61 -9.58
CA LYS A 89 -1.96 28.66 -9.52
C LYS A 89 -2.14 27.81 -8.24
N PRO A 90 -2.99 26.77 -8.31
CA PRO A 90 -3.34 25.96 -7.13
C PRO A 90 -2.23 24.99 -6.72
N PRO A 91 -2.33 24.41 -5.51
CA PRO A 91 -1.27 23.50 -5.03
C PRO A 91 -1.22 22.18 -5.83
N LEU A 92 -0.01 21.70 -6.05
CA LEU A 92 0.24 20.55 -6.91
C LEU A 92 -0.15 19.24 -6.21
N LEU A 93 -0.91 18.40 -6.90
CA LEU A 93 -1.27 17.07 -6.40
C LEU A 93 -0.18 16.08 -6.86
N ASN A 94 0.83 15.87 -6.00
CA ASN A 94 2.04 15.13 -6.37
C ASN A 94 2.49 14.02 -5.41
N ASN A 95 1.64 13.65 -4.45
CA ASN A 95 1.97 12.62 -3.47
C ASN A 95 0.74 11.80 -3.06
N ALA A 96 0.97 10.74 -2.27
CA ALA A 96 -0.10 9.87 -1.77
C ALA A 96 -1.09 10.61 -0.86
N ASP A 97 -0.60 11.56 -0.06
CA ASP A 97 -1.47 12.37 0.81
C ASP A 97 -2.52 13.15 0.01
N SER A 98 -2.09 13.77 -1.08
CA SER A 98 -2.97 14.48 -2.01
C SER A 98 -4.07 13.59 -2.56
N VAL A 99 -3.70 12.37 -2.96
CA VAL A 99 -4.66 11.39 -3.50
C VAL A 99 -5.67 10.98 -2.43
N GLN A 100 -5.17 10.69 -1.23
CA GLN A 100 -6.02 10.33 -0.08
C GLN A 100 -6.97 11.48 0.28
N ALA A 101 -6.45 12.69 0.34
CA ALA A 101 -7.24 13.87 0.74
C ALA A 101 -8.39 14.17 -0.23
N LYS A 102 -8.10 14.10 -1.53
CA LYS A 102 -9.11 14.33 -2.57
C LYS A 102 -10.06 13.14 -2.73
N ALA A 103 -9.58 11.93 -2.49
CA ALA A 103 -10.44 10.75 -2.46
C ALA A 103 -11.50 10.88 -1.36
N GLU A 104 -11.08 11.38 -0.19
CA GLU A 104 -12.00 11.69 0.90
C GLU A 104 -13.04 12.74 0.51
N MET A 105 -12.59 13.82 -0.16
CA MET A 105 -13.48 14.88 -0.63
C MET A 105 -14.57 14.35 -1.56
N LEU A 106 -14.15 13.55 -2.55
CA LEU A 106 -15.08 13.02 -3.55
C LEU A 106 -16.10 12.02 -2.96
N ASP A 107 -15.66 11.20 -2.01
CA ASP A 107 -16.57 10.35 -1.23
C ASP A 107 -17.71 11.19 -0.63
N ASN A 108 -17.34 12.28 0.05
CA ASN A 108 -18.31 13.19 0.65
C ASN A 108 -19.22 13.86 -0.39
N LEU A 109 -18.67 14.28 -1.52
CA LEU A 109 -19.47 14.90 -2.60
C LEU A 109 -20.49 13.94 -3.24
N LEU A 110 -20.14 12.66 -3.37
CA LEU A 110 -21.11 11.64 -3.81
C LEU A 110 -22.30 11.54 -2.85
N ASP A 111 -22.01 11.46 -1.55
CA ASP A 111 -23.05 11.40 -0.53
C ASP A 111 -23.83 12.71 -0.39
N ILE A 112 -23.16 13.85 -0.56
CA ILE A 112 -23.82 15.16 -0.55
C ILE A 112 -24.78 15.29 -1.73
N GLU A 113 -24.36 14.81 -2.91
CA GLU A 113 -25.20 14.81 -4.10
C GLU A 113 -26.49 14.00 -3.90
N VAL A 114 -26.38 12.85 -3.24
CA VAL A 114 -27.54 11.99 -2.98
C VAL A 114 -28.56 12.70 -2.07
N ALA A 115 -28.06 13.34 -1.01
CA ALA A 115 -28.90 14.11 -0.08
C ALA A 115 -29.65 15.23 -0.79
N TYR A 116 -28.94 15.96 -1.64
CA TYR A 116 -29.55 17.09 -2.37
C TYR A 116 -30.53 16.63 -3.45
N SER A 117 -30.24 15.50 -4.10
CA SER A 117 -31.13 14.95 -5.13
C SER A 117 -32.47 14.50 -4.55
N LEU A 118 -32.42 13.85 -3.39
CA LEU A 118 -33.64 13.50 -2.63
C LEU A 118 -34.44 14.75 -2.27
N LEU A 119 -33.74 15.78 -1.80
CA LEU A 119 -34.37 17.02 -1.35
C LEU A 119 -35.11 17.74 -2.49
N ARG A 120 -34.41 17.96 -3.60
CA ARG A 120 -35.00 18.63 -4.77
C ARG A 120 -35.80 17.70 -5.70
N GLY A 121 -35.73 16.39 -5.47
CA GLY A 121 -36.57 15.42 -6.17
C GLY A 121 -37.89 15.24 -5.44
N GLY A 122 -38.73 14.35 -5.97
CA GLY A 122 -39.99 14.00 -5.34
C GLY A 122 -41.05 15.08 -5.39
N SER A 123 -42.01 15.00 -4.47
CA SER A 123 -43.20 15.86 -4.48
C SER A 123 -43.14 16.98 -3.43
N ASP A 124 -44.00 17.97 -3.63
CA ASP A 124 -44.09 19.15 -2.77
C ASP A 124 -45.56 19.40 -2.40
N ASP A 125 -45.87 19.24 -1.12
CA ASP A 125 -47.25 19.36 -0.61
C ASP A 125 -47.25 20.24 0.65
N SER A 126 -47.89 21.41 0.55
CA SER A 126 -47.96 22.38 1.65
C SER A 126 -48.74 21.88 2.88
N SER A 127 -49.69 20.98 2.67
CA SER A 127 -50.49 20.44 3.78
C SER A 127 -49.72 19.49 4.70
N LYS A 128 -48.67 18.85 4.17
CA LYS A 128 -47.79 17.97 4.98
C LYS A 128 -46.62 18.76 5.57
N ASP A 129 -46.20 18.35 6.77
CA ASP A 129 -45.00 18.92 7.41
C ASP A 129 -43.78 18.44 6.63
N PRO A 130 -42.90 19.37 6.18
CA PRO A 130 -41.71 18.94 5.41
C PRO A 130 -40.76 17.97 6.15
N ILE A 131 -40.85 17.91 7.48
CA ILE A 131 -40.13 16.91 8.28
C ILE A 131 -40.62 15.50 7.93
N ASP A 132 -41.93 15.30 7.83
CA ASP A 132 -42.53 14.01 7.45
C ASP A 132 -42.21 13.64 6.00
N VAL A 133 -42.24 14.62 5.10
CA VAL A 133 -41.96 14.37 3.68
C VAL A 133 -40.52 13.88 3.50
N ASN A 134 -39.58 14.58 4.13
CA ASN A 134 -38.16 14.19 4.09
C ASN A 134 -37.89 12.85 4.79
N TYR A 135 -38.60 12.56 5.87
CA TYR A 135 -38.51 11.27 6.55
C TYR A 135 -38.81 10.11 5.59
N GLU A 136 -39.90 10.23 4.83
CA GLU A 136 -40.33 9.17 3.90
C GLU A 136 -39.31 8.90 2.79
N LYS A 137 -38.58 9.93 2.39
CA LYS A 137 -37.53 9.81 1.36
C LYS A 137 -36.35 8.92 1.75
N LEU A 138 -36.14 8.70 3.05
CA LEU A 138 -35.04 7.86 3.54
C LEU A 138 -35.31 6.35 3.47
N LYS A 139 -36.58 5.95 3.28
CA LYS A 139 -36.96 4.53 3.19
C LYS A 139 -36.41 3.71 4.38
N THR A 140 -36.52 4.30 5.58
CA THR A 140 -35.91 3.75 6.78
C THR A 140 -36.80 4.02 7.99
N ASP A 141 -37.17 2.95 8.69
CA ASP A 141 -37.97 3.06 9.91
C ASP A 141 -37.03 3.47 11.04
N ILE A 142 -37.25 4.66 11.61
CA ILE A 142 -36.42 5.19 12.69
C ILE A 142 -37.26 5.35 13.95
N LYS A 143 -36.93 4.58 14.98
CA LYS A 143 -37.61 4.58 16.27
C LYS A 143 -36.65 5.06 17.35
N VAL A 144 -37.16 5.81 18.31
CA VAL A 144 -36.36 6.22 19.47
C VAL A 144 -36.24 5.03 20.42
N VAL A 145 -35.01 4.70 20.81
CA VAL A 145 -34.76 3.65 21.79
C VAL A 145 -35.02 4.21 23.20
N ASP A 146 -35.69 3.41 24.03
CA ASP A 146 -36.04 3.81 25.39
C ASP A 146 -34.79 3.78 26.27
N ARG A 147 -34.62 4.80 27.11
CA ARG A 147 -33.42 4.94 27.94
C ARG A 147 -33.34 3.92 29.09
N ASP A 148 -34.49 3.40 29.53
CA ASP A 148 -34.54 2.34 30.54
C ASP A 148 -34.29 0.91 30.00
N SER A 149 -34.29 0.75 28.67
CA SER A 149 -34.18 -0.59 28.04
C SER A 149 -32.80 -1.23 28.19
N GLU A 150 -32.74 -2.52 27.86
CA GLU A 150 -31.50 -3.31 27.95
C GLU A 150 -30.50 -2.91 26.87
N GLU A 151 -30.99 -2.80 25.63
CA GLU A 151 -30.14 -2.42 24.49
C GLU A 151 -29.54 -1.01 24.61
N ALA A 152 -30.27 -0.09 25.26
CA ALA A 152 -29.75 1.25 25.54
C ALA A 152 -28.58 1.23 26.53
N GLU A 153 -28.70 0.41 27.58
CA GLU A 153 -27.64 0.23 28.58
C GLU A 153 -26.35 -0.33 27.98
N ILE A 154 -26.51 -1.33 27.10
CA ILE A 154 -25.38 -1.95 26.40
C ILE A 154 -24.69 -0.93 25.47
N ILE A 155 -25.49 -0.17 24.73
CA ILE A 155 -24.98 0.84 23.79
C ILE A 155 -24.24 1.97 24.53
N ARG A 156 -24.81 2.45 25.63
CA ARG A 156 -24.14 3.45 26.48
C ARG A 156 -22.83 2.93 27.06
N LYS A 157 -22.80 1.65 27.42
CA LYS A 157 -21.60 1.01 27.97
C LYS A 157 -20.52 0.83 26.90
N TYR A 158 -20.95 0.57 25.66
CA TYR A 158 -20.05 0.47 24.51
C TYR A 158 -19.37 1.82 24.22
N VAL A 159 -20.15 2.90 24.33
CA VAL A 159 -19.63 4.28 24.23
C VAL A 159 -18.71 4.61 25.42
N LYS A 160 -19.16 4.22 26.61
CA LYS A 160 -18.46 4.53 27.86
C LYS A 160 -17.09 3.83 27.98
N ASN A 161 -17.00 2.58 27.52
CA ASN A 161 -15.80 1.77 27.69
C ASN A 161 -14.75 1.84 26.58
N THR A 162 -15.13 2.31 25.39
CA THR A 162 -14.23 2.26 24.23
C THR A 162 -13.83 3.65 23.70
N HIS A 163 -13.74 4.63 24.60
CA HIS A 163 -13.19 5.94 24.27
C HIS A 163 -11.69 5.88 24.54
N ALA A 164 -10.89 6.01 23.48
CA ALA A 164 -9.44 5.85 23.56
C ALA A 164 -8.76 6.99 24.30
N THR A 165 -7.69 6.68 25.02
CA THR A 165 -6.95 7.67 25.81
C THR A 165 -6.34 8.77 24.93
N THR A 166 -5.88 8.40 23.73
CA THR A 166 -5.31 9.38 22.78
C THR A 166 -6.35 10.28 22.09
N HIS A 167 -7.64 10.03 22.31
CA HIS A 167 -8.72 10.90 21.81
C HIS A 167 -9.45 11.63 22.95
N ASN A 168 -8.70 11.99 23.99
CA ASN A 168 -9.27 12.59 25.21
C ASN A 168 -9.45 14.12 25.18
N ALA A 169 -9.17 14.77 24.05
CA ALA A 169 -9.49 16.19 23.85
C ALA A 169 -11.00 16.50 23.90
N TYR A 170 -11.83 15.46 23.76
CA TYR A 170 -13.26 15.56 24.01
C TYR A 170 -13.76 14.34 24.76
N ASP A 171 -14.99 14.42 25.26
CA ASP A 171 -15.76 13.24 25.64
C ASP A 171 -17.15 13.32 24.99
N LEU A 172 -17.88 12.21 25.05
CA LEU A 172 -19.13 12.05 24.33
C LEU A 172 -20.32 11.93 25.28
N GLU A 173 -21.34 12.76 25.04
CA GLU A 173 -22.65 12.59 25.65
C GLU A 173 -23.58 11.97 24.62
N VAL A 174 -24.22 10.86 24.97
CA VAL A 174 -25.26 10.27 24.12
C VAL A 174 -26.53 11.09 24.34
N ILE A 175 -26.95 11.82 23.30
CA ILE A 175 -28.17 12.62 23.37
C ILE A 175 -29.36 11.74 23.05
N ASP A 176 -29.32 11.05 21.91
CA ASP A 176 -30.40 10.16 21.47
C ASP A 176 -29.84 8.87 20.89
N ILE A 177 -30.57 7.78 21.08
CA ILE A 177 -30.26 6.47 20.50
C ILE A 177 -31.46 6.06 19.66
N PHE A 178 -31.23 5.88 18.35
CA PHE A 178 -32.27 5.46 17.42
C PHE A 178 -32.06 4.01 17.01
N LYS A 179 -33.15 3.25 16.94
CA LYS A 179 -33.18 1.94 16.30
C LYS A 179 -33.58 2.21 14.85
N ILE A 180 -32.78 1.71 13.90
CA ILE A 180 -33.01 1.97 12.47
C ILE A 180 -33.14 0.66 11.66
N GLU A 181 -33.99 0.69 10.64
CA GLU A 181 -34.21 -0.45 9.76
C GLU A 181 -34.45 0.06 8.33
N ARG A 182 -33.41 -0.03 7.48
CA ARG A 182 -33.53 0.34 6.06
C ARG A 182 -34.37 -0.70 5.33
N GLU A 183 -35.17 -0.24 4.38
CA GLU A 183 -36.05 -1.12 3.61
C GLU A 183 -35.21 -2.07 2.75
N GLY A 184 -35.47 -3.37 2.88
CA GLY A 184 -34.80 -4.39 2.09
C GLY A 184 -33.39 -4.79 2.49
N GLU A 185 -32.84 -4.21 3.56
CA GLU A 185 -31.46 -4.50 3.98
C GLU A 185 -31.37 -5.84 4.71
N CYS A 186 -32.34 -6.12 5.58
CA CYS A 186 -32.50 -7.46 6.19
C CYS A 186 -32.62 -8.57 5.13
N GLN A 187 -33.30 -8.27 4.03
CA GLN A 187 -33.39 -9.19 2.89
C GLN A 187 -32.02 -9.37 2.19
N ARG A 188 -31.32 -8.27 1.99
CA ARG A 188 -29.96 -8.29 1.41
C ARG A 188 -28.92 -9.00 2.30
N TYR A 189 -29.09 -8.88 3.61
CA TYR A 189 -28.17 -9.46 4.60
C TYR A 189 -28.34 -10.98 4.81
N LYS A 190 -29.41 -11.56 4.26
CA LYS A 190 -29.84 -12.93 4.57
C LYS A 190 -28.76 -14.02 4.37
N PRO A 191 -27.95 -13.94 3.29
CA PRO A 191 -26.84 -14.90 3.12
C PRO A 191 -25.75 -14.86 4.19
N PHE A 192 -25.60 -13.72 4.88
CA PHE A 192 -24.57 -13.54 5.91
C PHE A 192 -25.10 -13.56 7.35
N LYS A 193 -26.40 -13.78 7.54
CA LYS A 193 -27.03 -13.61 8.87
C LYS A 193 -26.58 -14.62 9.93
N GLN A 194 -26.09 -15.78 9.49
CA GLN A 194 -25.62 -16.84 10.40
C GLN A 194 -24.10 -17.08 10.30
N LEU A 195 -23.39 -16.22 9.58
CA LEU A 195 -21.94 -16.36 9.39
C LEU A 195 -21.23 -16.15 10.73
N HIS A 196 -20.11 -16.85 10.92
CA HIS A 196 -19.29 -16.69 12.13
C HIS A 196 -18.63 -15.30 12.17
N ASN A 197 -18.28 -14.87 13.37
CA ASN A 197 -17.65 -13.56 13.63
C ASN A 197 -18.50 -12.39 13.08
N ARG A 198 -19.74 -12.33 13.54
CA ARG A 198 -20.60 -11.16 13.34
C ARG A 198 -20.46 -10.27 14.57
N ARG A 199 -20.10 -9.00 14.34
CA ARG A 199 -19.82 -8.05 15.42
C ARG A 199 -20.54 -6.72 15.20
N LEU A 200 -20.95 -6.11 16.31
CA LEU A 200 -21.60 -4.80 16.29
C LEU A 200 -20.49 -3.76 16.40
N LEU A 201 -20.30 -3.00 15.32
CA LEU A 201 -19.17 -2.09 15.18
C LEU A 201 -19.60 -0.69 14.80
N TRP A 202 -18.71 0.27 15.07
CA TRP A 202 -18.99 1.68 14.86
C TRP A 202 -18.65 2.10 13.44
N HIS A 203 -19.44 3.03 12.91
CA HIS A 203 -19.07 3.79 11.71
C HIS A 203 -19.48 5.25 11.89
N GLY A 204 -18.48 6.14 11.92
CA GLY A 204 -18.71 7.58 11.99
C GLY A 204 -18.57 8.24 10.64
N SER A 205 -19.37 9.27 10.41
CA SER A 205 -19.30 10.06 9.19
C SER A 205 -19.86 11.43 9.52
N ARG A 206 -19.52 12.44 8.71
CA ARG A 206 -20.13 13.77 8.93
C ARG A 206 -21.63 13.72 8.63
N THR A 207 -22.38 14.60 9.30
CA THR A 207 -23.85 14.53 9.31
C THR A 207 -24.43 14.68 7.90
N THR A 208 -23.73 15.44 7.06
CA THR A 208 -24.09 15.66 5.66
C THR A 208 -24.11 14.41 4.76
N ASN A 209 -23.54 13.29 5.23
CA ASN A 209 -23.57 12.01 4.48
C ASN A 209 -24.70 11.07 4.89
N PHE A 210 -25.44 11.39 5.95
CA PHE A 210 -26.41 10.46 6.54
C PHE A 210 -27.72 10.28 5.77
N ALA A 211 -28.12 11.29 5.01
CA ALA A 211 -29.25 11.12 4.07
C ALA A 211 -28.92 10.06 3.03
N GLY A 212 -27.69 10.08 2.52
CA GLY A 212 -27.21 9.07 1.59
C GLY A 212 -27.08 7.69 2.22
N ILE A 213 -26.52 7.63 3.42
CA ILE A 213 -26.34 6.36 4.12
C ILE A 213 -27.69 5.72 4.48
N LEU A 214 -28.64 6.51 4.97
CA LEU A 214 -29.96 5.98 5.31
C LEU A 214 -30.80 5.63 4.08
N SER A 215 -30.65 6.37 2.98
CA SER A 215 -31.38 6.06 1.74
C SER A 215 -30.74 4.88 0.98
N GLN A 216 -29.44 4.96 0.76
CA GLN A 216 -28.71 3.99 -0.06
C GLN A 216 -28.00 2.87 0.71
N GLY A 217 -27.90 3.00 2.03
CA GLY A 217 -26.98 2.16 2.82
C GLY A 217 -25.56 2.67 2.72
N LEU A 218 -24.67 2.09 3.51
CA LEU A 218 -23.23 2.30 3.33
C LEU A 218 -22.82 1.65 2.01
N ARG A 219 -22.21 2.43 1.13
CA ARG A 219 -21.80 1.98 -0.20
C ARG A 219 -20.30 1.88 -0.25
N ILE A 220 -19.78 1.20 -1.27
CA ILE A 220 -18.35 1.16 -1.56
C ILE A 220 -18.06 2.28 -2.57
N ALA A 221 -16.86 2.85 -2.50
CA ALA A 221 -16.44 3.85 -3.49
C ALA A 221 -16.46 3.24 -4.89
N PRO A 222 -16.89 4.02 -5.90
CA PRO A 222 -17.16 3.45 -7.23
C PRO A 222 -15.90 2.98 -7.97
N PRO A 223 -16.06 2.25 -9.11
CA PRO A 223 -14.93 1.77 -9.92
C PRO A 223 -13.89 2.84 -10.27
N GLU A 224 -14.36 4.06 -10.54
CA GLU A 224 -13.48 5.18 -10.94
C GLU A 224 -12.54 5.65 -9.83
N ALA A 225 -12.93 5.44 -8.57
CA ALA A 225 -12.14 5.94 -7.43
C ALA A 225 -10.79 5.23 -7.29
N PRO A 226 -9.76 5.95 -6.82
CA PRO A 226 -8.44 5.35 -6.66
C PRO A 226 -8.37 4.45 -5.44
N VAL A 227 -8.01 3.19 -5.64
CA VAL A 227 -7.87 2.26 -4.52
C VAL A 227 -6.75 2.69 -3.54
N THR A 228 -5.71 3.36 -4.06
CA THR A 228 -4.62 3.90 -3.24
C THR A 228 -5.04 5.10 -2.36
N GLY A 229 -6.20 5.69 -2.62
CA GLY A 229 -6.76 6.72 -1.74
C GLY A 229 -7.23 6.26 -0.36
N TYR A 230 -7.36 4.94 -0.17
CA TYR A 230 -7.86 4.36 1.07
C TYR A 230 -6.88 3.29 1.54
N MET A 231 -6.59 3.28 2.85
CA MET A 231 -5.51 2.45 3.41
C MET A 231 -5.63 0.96 3.06
N PHE A 232 -6.82 0.40 3.24
CA PHE A 232 -7.11 -0.99 2.88
C PHE A 232 -8.02 -1.12 1.65
N GLY A 233 -7.93 -0.15 0.74
CA GLY A 233 -8.68 -0.16 -0.51
C GLY A 233 -10.16 0.16 -0.37
N LYS A 234 -10.92 -0.16 -1.41
CA LYS A 234 -12.32 0.29 -1.52
C LYS A 234 -13.30 -0.68 -0.88
N GLY A 235 -13.59 -0.43 0.40
CA GLY A 235 -14.57 -1.19 1.17
C GLY A 235 -15.28 -0.29 2.16
N ILE A 236 -15.99 -0.90 3.11
CA ILE A 236 -16.71 -0.18 4.16
C ILE A 236 -15.99 -0.40 5.50
N TYR A 237 -15.50 0.70 6.09
CA TYR A 237 -14.58 0.66 7.23
C TYR A 237 -15.34 0.88 8.53
N PHE A 238 -15.02 0.07 9.55
CA PHE A 238 -15.61 0.17 10.88
C PHE A 238 -14.55 0.08 11.97
N ALA A 239 -14.91 0.52 13.18
CA ALA A 239 -14.05 0.41 14.36
C ALA A 239 -14.80 -0.22 15.52
N ASP A 240 -14.04 -0.77 16.46
CA ASP A 240 -14.59 -1.23 17.75
C ASP A 240 -14.38 -0.23 18.89
N MET A 241 -13.67 0.87 18.60
CA MET A 241 -13.49 1.99 19.54
C MET A 241 -14.37 3.15 19.10
N VAL A 242 -15.30 3.59 19.97
CA VAL A 242 -16.24 4.65 19.62
C VAL A 242 -15.55 5.96 19.21
N SER A 243 -14.48 6.31 19.91
CA SER A 243 -13.76 7.56 19.67
C SER A 243 -13.04 7.57 18.31
N LYS A 244 -12.58 6.40 17.84
CA LYS A 244 -11.95 6.28 16.51
C LYS A 244 -12.94 6.62 15.40
N SER A 245 -14.15 6.06 15.50
CA SER A 245 -15.24 6.40 14.57
C SER A 245 -15.75 7.84 14.80
N ALA A 246 -15.87 8.24 16.06
CA ALA A 246 -16.34 9.58 16.42
C ALA A 246 -15.49 10.71 15.84
N ASN A 247 -14.18 10.47 15.70
CA ASN A 247 -13.27 11.41 15.02
C ASN A 247 -13.67 11.73 13.57
N TYR A 248 -14.19 10.73 12.86
CA TYR A 248 -14.64 10.88 11.47
C TYR A 248 -15.99 11.60 11.30
N CYS A 249 -16.67 11.92 12.39
CA CYS A 249 -17.77 12.89 12.36
C CYS A 249 -17.29 14.30 11.97
N HIS A 250 -16.04 14.62 12.28
CA HIS A 250 -15.45 15.93 12.01
C HIS A 250 -16.30 17.05 12.64
N THR A 251 -16.60 16.87 13.91
CA THR A 251 -17.23 17.91 14.73
C THR A 251 -16.16 18.88 15.22
N SER A 252 -16.59 19.98 15.80
CA SER A 252 -15.69 21.00 16.32
C SER A 252 -16.43 21.84 17.35
N GLN A 253 -15.78 22.86 17.90
CA GLN A 253 -16.44 23.81 18.80
C GLN A 253 -17.54 24.60 18.09
N GLY A 254 -17.33 24.88 16.80
CA GLY A 254 -18.35 25.52 15.96
C GLY A 254 -19.49 24.63 15.48
N ASP A 255 -19.36 23.32 15.65
CA ASP A 255 -20.39 22.35 15.23
C ASP A 255 -20.24 21.04 16.05
N PRO A 256 -20.66 21.06 17.34
CA PRO A 256 -20.33 20.00 18.28
C PRO A 256 -21.26 18.77 18.32
N ILE A 257 -22.30 18.74 17.48
CA ILE A 257 -23.25 17.63 17.45
C ILE A 257 -22.93 16.73 16.26
N GLY A 258 -22.77 15.43 16.52
CA GLY A 258 -22.42 14.46 15.49
C GLY A 258 -23.32 13.23 15.51
N LEU A 259 -23.21 12.43 14.45
CA LEU A 259 -23.98 11.21 14.27
C LEU A 259 -23.04 10.04 13.98
N ILE A 260 -23.33 8.90 14.60
CA ILE A 260 -22.52 7.68 14.46
C ILE A 260 -23.44 6.45 14.35
N LEU A 261 -23.00 5.46 13.58
CA LEU A 261 -23.76 4.24 13.36
C LEU A 261 -23.24 3.09 14.19
N LEU A 262 -24.13 2.15 14.51
CA LEU A 262 -23.76 0.81 14.97
C LEU A 262 -24.34 -0.17 13.97
N GLY A 263 -23.47 -0.90 13.29
CA GLY A 263 -23.88 -1.87 12.27
C GLY A 263 -23.46 -3.28 12.64
N GLU A 264 -24.32 -4.24 12.35
CA GLU A 264 -23.94 -5.64 12.40
C GLU A 264 -23.13 -5.92 11.14
N VAL A 265 -21.86 -6.26 11.33
CA VAL A 265 -20.95 -6.53 10.21
C VAL A 265 -20.52 -8.00 10.26
N ALA A 266 -20.78 -8.72 9.18
CA ALA A 266 -20.38 -10.13 9.07
C ALA A 266 -18.93 -10.21 8.59
N LEU A 267 -18.02 -10.43 9.52
CA LEU A 267 -16.58 -10.40 9.25
C LEU A 267 -16.05 -11.75 8.74
N GLY A 268 -16.55 -12.85 9.31
CA GLY A 268 -16.13 -14.19 8.89
C GLY A 268 -14.66 -14.42 9.12
N ASN A 269 -14.03 -15.12 8.18
CA ASN A 269 -12.58 -15.32 8.16
C ASN A 269 -11.89 -14.00 7.79
N MET A 270 -11.21 -13.39 8.76
CA MET A 270 -10.60 -12.08 8.60
C MET A 270 -9.18 -12.19 8.04
N TYR A 271 -8.90 -11.38 7.01
CA TYR A 271 -7.55 -11.22 6.47
C TYR A 271 -6.85 -10.16 7.31
N GLU A 272 -6.02 -10.60 8.25
CA GLU A 272 -5.43 -9.70 9.24
C GLU A 272 -4.18 -9.02 8.69
N LEU A 273 -4.16 -7.69 8.73
CA LEU A 273 -3.09 -6.89 8.13
C LEU A 273 -2.56 -5.83 9.09
N LYS A 274 -1.27 -5.53 8.96
CA LYS A 274 -0.57 -4.56 9.81
C LYS A 274 -0.40 -3.21 9.14
N HIS A 275 -0.22 -3.19 7.82
CA HIS A 275 0.07 -1.97 7.08
C HIS A 275 -0.82 -1.85 5.85
N ALA A 276 -0.74 -0.70 5.19
CA ALA A 276 -1.57 -0.39 4.01
C ALA A 276 -1.49 -1.49 2.96
N SER A 277 -2.67 -1.88 2.45
CA SER A 277 -2.78 -2.82 1.35
C SER A 277 -3.96 -2.40 0.47
N HIS A 278 -3.65 -1.81 -0.69
CA HIS A 278 -4.66 -1.15 -1.52
C HIS A 278 -5.30 -2.16 -2.47
N ILE A 279 -6.34 -2.82 -1.99
CA ILE A 279 -6.98 -3.94 -2.72
C ILE A 279 -8.45 -3.67 -3.06
N SER A 280 -8.89 -4.22 -4.18
CA SER A 280 -10.32 -4.21 -4.55
C SER A 280 -11.03 -5.52 -4.20
N LYS A 281 -10.29 -6.64 -4.21
CA LYS A 281 -10.83 -7.95 -3.86
C LYS A 281 -9.95 -8.69 -2.85
N LEU A 282 -10.60 -9.47 -2.00
CA LEU A 282 -9.92 -10.26 -0.97
C LEU A 282 -9.34 -11.53 -1.58
N PRO A 283 -8.34 -12.14 -0.90
CA PRO A 283 -7.91 -13.47 -1.32
C PRO A 283 -9.00 -14.51 -1.10
N LYS A 284 -8.99 -15.57 -1.90
CA LYS A 284 -10.01 -16.62 -1.83
C LYS A 284 -10.12 -17.17 -0.41
N GLY A 285 -11.35 -17.30 0.08
CA GLY A 285 -11.62 -17.77 1.44
C GLY A 285 -11.87 -16.69 2.48
N LYS A 286 -11.40 -15.46 2.23
CA LYS A 286 -11.52 -14.34 3.18
C LYS A 286 -12.78 -13.51 2.96
N HIS A 287 -13.45 -13.16 4.06
CA HIS A 287 -14.68 -12.35 4.04
C HIS A 287 -14.48 -10.87 4.42
N SER A 288 -13.34 -10.53 5.04
CA SER A 288 -13.07 -9.16 5.49
C SER A 288 -11.58 -8.95 5.77
N VAL A 289 -11.19 -7.69 5.91
CA VAL A 289 -9.86 -7.33 6.40
C VAL A 289 -9.99 -6.84 7.83
N LYS A 290 -9.08 -7.28 8.70
CA LYS A 290 -8.87 -6.68 10.01
C LYS A 290 -7.52 -5.95 10.01
N GLY A 291 -7.57 -4.62 10.14
CA GLY A 291 -6.39 -3.83 10.44
C GLY A 291 -6.04 -4.03 11.91
N LEU A 292 -4.88 -4.63 12.18
CA LEU A 292 -4.52 -5.03 13.55
C LEU A 292 -4.08 -3.83 14.39
N GLY A 293 -4.90 -3.48 15.39
CA GLY A 293 -4.58 -2.39 16.29
C GLY A 293 -3.59 -2.77 17.37
N LYS A 294 -2.78 -1.80 17.77
CA LYS A 294 -1.89 -1.95 18.93
C LYS A 294 -2.72 -2.13 20.22
N THR A 295 -3.88 -1.47 20.28
CA THR A 295 -4.84 -1.61 21.38
C THR A 295 -6.13 -2.25 20.85
N THR A 296 -6.75 -3.09 21.67
CA THR A 296 -7.98 -3.80 21.32
C THR A 296 -8.92 -3.86 22.53
N PRO A 297 -10.26 -3.92 22.31
CA PRO A 297 -11.16 -4.20 23.44
C PRO A 297 -10.89 -5.59 24.05
N ASP A 298 -11.07 -5.68 25.36
CA ASP A 298 -10.79 -6.92 26.11
C ASP A 298 -11.70 -8.04 25.59
N PRO A 299 -11.13 -9.12 24.99
CA PRO A 299 -11.95 -10.22 24.46
C PRO A 299 -12.86 -10.91 25.48
N SER A 300 -12.40 -11.03 26.73
CA SER A 300 -13.16 -11.66 27.80
C SER A 300 -14.40 -10.88 28.27
N ALA A 301 -14.49 -9.59 27.90
CA ALA A 301 -15.65 -8.75 28.25
C ALA A 301 -16.70 -8.60 27.14
N ASN A 302 -16.62 -9.44 26.10
CA ASN A 302 -17.63 -9.44 25.01
C ASN A 302 -19.02 -9.80 25.54
N ILE A 303 -20.03 -9.09 25.04
CA ILE A 303 -21.43 -9.29 25.43
C ILE A 303 -22.28 -9.42 24.15
N SER A 304 -23.30 -10.26 24.22
CA SER A 304 -24.20 -10.50 23.09
C SER A 304 -25.41 -9.56 23.11
N LEU A 305 -25.76 -9.00 21.96
CA LEU A 305 -26.95 -8.15 21.79
C LEU A 305 -27.74 -8.61 20.57
N ASP A 306 -28.84 -9.31 20.80
CA ASP A 306 -29.69 -9.90 19.75
C ASP A 306 -28.90 -10.86 18.85
N GLY A 307 -28.07 -11.70 19.47
CA GLY A 307 -27.24 -12.69 18.75
C GLY A 307 -25.89 -12.21 18.27
N VAL A 308 -25.66 -10.89 18.25
CA VAL A 308 -24.43 -10.29 17.71
C VAL A 308 -23.49 -9.95 18.84
N ASP A 309 -22.19 -10.21 18.66
CA ASP A 309 -21.17 -9.84 19.64
C ASP A 309 -20.95 -8.32 19.67
N VAL A 310 -20.76 -7.79 20.87
CA VAL A 310 -20.50 -6.37 21.10
C VAL A 310 -19.17 -6.28 21.87
N PRO A 311 -18.08 -5.87 21.18
CA PRO A 311 -16.78 -5.79 21.85
C PRO A 311 -16.63 -4.51 22.69
N LEU A 312 -17.34 -4.48 23.82
CA LEU A 312 -17.43 -3.29 24.68
C LEU A 312 -16.48 -3.32 25.89
N GLY A 313 -15.50 -4.23 25.89
CA GLY A 313 -14.48 -4.25 26.94
C GLY A 313 -13.57 -3.03 26.83
N THR A 314 -12.92 -2.67 27.94
CA THR A 314 -11.98 -1.55 27.95
C THR A 314 -10.73 -1.94 27.16
N GLY A 315 -10.05 -0.94 26.61
CA GLY A 315 -8.89 -1.16 25.76
C GLY A 315 -7.71 -1.79 26.48
N ILE A 316 -7.23 -2.90 25.94
CA ILE A 316 -5.99 -3.55 26.44
C ILE A 316 -5.01 -3.77 25.28
N SER A 317 -3.79 -4.15 25.64
CA SER A 317 -2.74 -4.43 24.66
C SER A 317 -3.08 -5.70 23.88
N SER A 318 -2.99 -5.61 22.54
CA SER A 318 -3.28 -6.75 21.66
C SER A 318 -2.10 -7.72 21.52
N GLY A 319 -0.90 -7.27 21.91
CA GLY A 319 0.32 -8.06 21.72
C GLY A 319 0.76 -8.14 20.28
N VAL A 320 0.35 -7.17 19.46
CA VAL A 320 0.77 -7.04 18.06
C VAL A 320 1.83 -5.94 18.03
N ASN A 321 2.96 -6.22 17.41
CA ASN A 321 4.14 -5.36 17.52
C ASN A 321 4.20 -4.23 16.49
N ASP A 322 4.68 -4.52 15.28
CA ASP A 322 5.05 -3.48 14.31
C ASP A 322 3.91 -3.18 13.37
N THR A 323 2.87 -2.53 13.91
CA THR A 323 1.64 -2.24 13.17
C THR A 323 1.51 -0.75 12.92
N SER A 324 0.87 -0.40 11.81
CA SER A 324 0.55 1.00 11.48
C SER A 324 -0.53 1.60 12.39
N LEU A 325 -1.39 0.76 12.95
CA LEU A 325 -2.63 1.20 13.58
C LEU A 325 -2.57 1.12 15.10
N LEU A 326 -3.01 2.18 15.76
CA LEU A 326 -3.15 2.20 17.22
C LEU A 326 -4.36 1.39 17.68
N TYR A 327 -5.42 1.36 16.88
CA TYR A 327 -6.67 0.66 17.22
C TYR A 327 -7.17 -0.16 16.04
N ASN A 328 -8.04 -1.12 16.34
CA ASN A 328 -8.56 -2.03 15.33
C ASN A 328 -9.34 -1.32 14.23
N GLU A 329 -9.41 -2.00 13.09
CA GLU A 329 -10.02 -1.48 11.90
C GLU A 329 -10.61 -2.68 11.16
N TYR A 330 -11.85 -2.58 10.69
CA TYR A 330 -12.56 -3.70 10.06
C TYR A 330 -13.16 -3.26 8.73
N ILE A 331 -12.83 -3.96 7.65
CA ILE A 331 -13.26 -3.58 6.30
C ILE A 331 -13.92 -4.76 5.60
N VAL A 332 -15.13 -4.53 5.07
CA VAL A 332 -15.79 -5.50 4.17
C VAL A 332 -15.87 -4.90 2.76
N TYR A 333 -15.87 -5.78 1.77
CA TYR A 333 -15.81 -5.40 0.36
C TYR A 333 -17.06 -5.85 -0.42
N ASP A 334 -18.12 -6.22 0.31
CA ASP A 334 -19.44 -6.53 -0.23
C ASP A 334 -20.43 -5.77 0.65
N ILE A 335 -21.22 -4.87 0.04
CA ILE A 335 -22.22 -4.08 0.79
C ILE A 335 -23.26 -4.95 1.52
N ALA A 336 -23.51 -6.15 1.00
CA ALA A 336 -24.45 -7.09 1.61
C ALA A 336 -24.03 -7.61 2.99
N GLN A 337 -22.77 -7.45 3.38
CA GLN A 337 -22.28 -7.88 4.70
C GLN A 337 -22.56 -6.90 5.85
N VAL A 338 -23.27 -5.79 5.59
CA VAL A 338 -23.58 -4.79 6.61
C VAL A 338 -25.09 -4.69 6.81
N ASN A 339 -25.53 -4.89 8.06
CA ASN A 339 -26.92 -4.62 8.45
C ASN A 339 -26.92 -3.56 9.56
N LEU A 340 -27.37 -2.35 9.22
CA LEU A 340 -27.32 -1.21 10.12
C LEU A 340 -28.38 -1.38 11.21
N LYS A 341 -27.97 -1.21 12.47
CA LYS A 341 -28.87 -1.48 13.60
C LYS A 341 -29.26 -0.24 14.40
N TYR A 342 -28.28 0.61 14.73
CA TYR A 342 -28.56 1.83 15.51
C TYR A 342 -27.86 3.07 14.97
N LEU A 343 -28.42 4.22 15.34
CA LEU A 343 -27.87 5.52 15.03
C LEU A 343 -27.90 6.35 16.32
N LEU A 344 -26.74 6.86 16.72
CA LEU A 344 -26.61 7.68 17.93
C LEU A 344 -26.35 9.13 17.53
N LYS A 345 -27.03 10.05 18.21
CA LYS A 345 -26.72 11.48 18.13
C LYS A 345 -25.84 11.81 19.33
N LEU A 346 -24.62 12.28 19.04
CA LEU A 346 -23.61 12.55 20.07
C LEU A 346 -23.31 14.02 20.21
N LYS A 347 -23.15 14.47 21.45
CA LYS A 347 -22.66 15.81 21.76
C LYS A 347 -21.20 15.67 22.14
N PHE A 348 -20.33 16.40 21.44
CA PHE A 348 -18.89 16.41 21.70
C PHE A 348 -18.57 17.58 22.62
N ASN A 349 -18.13 17.28 23.85
CA ASN A 349 -17.65 18.32 24.77
C ASN A 349 -16.13 18.44 24.68
N PHE A 350 -15.69 19.44 23.93
CA PHE A 350 -14.26 19.69 23.72
C PHE A 350 -13.67 20.36 24.95
N LYS A 351 -12.74 19.67 25.61
CA LYS A 351 -12.06 20.19 26.79
C LYS A 351 -10.96 21.18 26.42
N THR A 352 -10.37 20.99 25.24
CA THR A 352 -9.40 21.93 24.67
C THR A 352 -10.10 23.11 24.02
N HIS B 1 53.47 -15.32 -8.51
CA HIS B 1 52.42 -16.27 -8.03
C HIS B 1 52.02 -17.28 -9.10
N MET B 2 51.39 -18.36 -8.67
CA MET B 2 50.77 -19.34 -9.58
C MET B 2 49.58 -18.64 -10.23
N LYS B 3 49.71 -18.31 -11.51
CA LYS B 3 48.70 -17.52 -12.23
C LYS B 3 47.44 -18.35 -12.48
N SER B 4 46.29 -17.68 -12.46
CA SER B 4 44.99 -18.36 -12.50
C SER B 4 44.73 -19.04 -13.84
N LYS B 5 44.14 -20.25 -13.76
CA LYS B 5 43.78 -21.06 -14.92
C LYS B 5 42.29 -20.96 -15.27
N LEU B 6 41.54 -20.13 -14.55
CA LEU B 6 40.10 -19.94 -14.81
C LEU B 6 39.88 -19.33 -16.19
N PRO B 7 38.75 -19.68 -16.85
CA PRO B 7 38.42 -19.00 -18.11
C PRO B 7 38.45 -17.48 -17.96
N LYS B 8 38.98 -16.78 -18.97
CA LYS B 8 39.16 -15.32 -18.91
C LYS B 8 37.86 -14.58 -18.56
N PRO B 9 36.71 -14.94 -19.17
CA PRO B 9 35.45 -14.28 -18.80
C PRO B 9 35.09 -14.42 -17.32
N VAL B 10 35.34 -15.59 -16.74
CA VAL B 10 35.11 -15.82 -15.31
C VAL B 10 36.06 -14.95 -14.47
N GLN B 11 37.32 -14.84 -14.89
CA GLN B 11 38.29 -13.98 -14.21
C GLN B 11 37.84 -12.51 -14.18
N ASP B 12 37.36 -12.02 -15.33
CA ASP B 12 36.88 -10.64 -15.45
C ASP B 12 35.63 -10.38 -14.59
N LEU B 13 34.73 -11.36 -14.52
CA LEU B 13 33.57 -11.29 -13.63
C LEU B 13 33.98 -11.10 -12.17
N ILE B 14 34.98 -11.88 -11.73
CA ILE B 14 35.47 -11.83 -10.35
C ILE B 14 36.10 -10.47 -10.04
N LYS B 15 36.94 -9.96 -10.94
CA LYS B 15 37.51 -8.61 -10.79
C LYS B 15 36.44 -7.53 -10.66
N MET B 16 35.37 -7.66 -11.44
CA MET B 16 34.29 -6.67 -11.47
C MET B 16 33.51 -6.62 -10.16
N ILE B 17 33.09 -7.79 -9.66
CA ILE B 17 32.26 -7.86 -8.44
C ILE B 17 33.04 -7.60 -7.14
N PHE B 18 34.35 -7.83 -7.14
CA PHE B 18 35.19 -7.54 -5.97
C PHE B 18 35.95 -6.20 -6.08
N ASP B 19 35.61 -5.38 -7.07
CA ASP B 19 36.25 -4.07 -7.26
C ASP B 19 35.88 -3.14 -6.10
N VAL B 20 36.89 -2.77 -5.31
CA VAL B 20 36.71 -1.94 -4.11
C VAL B 20 36.33 -0.50 -4.48
N GLU B 21 36.90 0.02 -5.56
CA GLU B 21 36.61 1.38 -6.02
C GLU B 21 35.18 1.52 -6.55
N SER B 22 34.64 0.46 -7.16
CA SER B 22 33.22 0.42 -7.57
C SER B 22 32.29 0.52 -6.35
N MET B 23 32.67 -0.11 -5.25
CA MET B 23 31.90 -0.03 -4.00
C MET B 23 31.90 1.40 -3.45
N LYS B 24 33.08 2.03 -3.43
CA LYS B 24 33.21 3.43 -3.01
C LYS B 24 32.41 4.37 -3.90
N LYS B 25 32.49 4.13 -5.21
CA LYS B 25 31.77 4.95 -6.20
C LYS B 25 30.24 4.84 -6.08
N ALA B 26 29.74 3.66 -5.70
CA ALA B 26 28.31 3.47 -5.45
C ALA B 26 27.83 4.26 -4.23
N MET B 27 28.65 4.28 -3.18
CA MET B 27 28.38 5.09 -1.99
C MET B 27 28.39 6.59 -2.30
N VAL B 28 29.32 7.04 -3.15
CA VAL B 28 29.39 8.44 -3.57
C VAL B 28 28.15 8.85 -4.38
N GLU B 29 27.66 7.96 -5.24
CA GLU B 29 26.42 8.21 -6.00
C GLU B 29 25.17 8.36 -5.10
N TYR B 30 25.19 7.73 -3.92
CA TYR B 30 24.18 7.99 -2.88
C TYR B 30 24.47 9.25 -2.03
N GLU B 31 25.50 10.01 -2.42
CA GLU B 31 25.97 11.20 -1.70
C GLU B 31 26.37 10.91 -0.26
N ILE B 32 26.98 9.74 -0.04
CA ILE B 32 27.49 9.33 1.26
C ILE B 32 28.90 9.88 1.40
N ASP B 33 29.21 10.40 2.58
CA ASP B 33 30.49 11.05 2.85
C ASP B 33 31.55 9.99 3.17
N LEU B 34 32.49 9.77 2.25
CA LEU B 34 33.52 8.74 2.41
C LEU B 34 34.63 9.08 3.40
N GLN B 35 34.90 10.38 3.61
CA GLN B 35 35.91 10.79 4.60
C GLN B 35 35.37 10.69 6.04
N LYS B 36 34.10 11.03 6.24
CA LYS B 36 33.44 10.84 7.55
C LYS B 36 33.04 9.39 7.80
N MET B 37 32.79 8.64 6.74
CA MET B 37 32.38 7.24 6.84
C MET B 37 32.97 6.41 5.70
N PRO B 38 34.22 5.94 5.88
CA PRO B 38 34.84 5.09 4.87
C PRO B 38 34.20 3.71 4.76
N LEU B 39 34.46 3.03 3.65
CA LEU B 39 33.97 1.68 3.39
C LEU B 39 34.35 0.68 4.51
N GLY B 40 35.53 0.84 5.08
CA GLY B 40 36.00 -0.01 6.18
C GLY B 40 35.27 0.13 7.51
N LYS B 41 34.62 1.27 7.73
CA LYS B 41 33.83 1.52 8.95
C LYS B 41 32.33 1.18 8.80
N LEU B 42 31.89 0.91 7.58
CA LEU B 42 30.53 0.44 7.32
C LEU B 42 30.29 -0.89 8.03
N SER B 43 29.26 -0.96 8.88
CA SER B 43 28.95 -2.18 9.63
C SER B 43 27.50 -2.64 9.48
N LYS B 44 27.26 -3.88 9.88
CA LYS B 44 25.96 -4.53 9.77
C LYS B 44 24.95 -3.92 10.74
N ARG B 45 25.37 -3.73 11.99
CA ARG B 45 24.52 -3.13 13.04
C ARG B 45 24.23 -1.64 12.81
N GLN B 46 25.17 -0.93 12.20
CA GLN B 46 24.94 0.45 11.76
C GLN B 46 23.78 0.51 10.77
N ILE B 47 23.84 -0.35 9.75
CA ILE B 47 22.82 -0.37 8.69
C ILE B 47 21.47 -0.79 9.28
N GLN B 48 21.48 -1.81 10.14
CA GLN B 48 20.29 -2.25 10.88
C GLN B 48 19.68 -1.14 11.75
N ALA B 49 20.54 -0.36 12.41
CA ALA B 49 20.09 0.80 13.18
C ALA B 49 19.45 1.86 12.28
N ALA B 50 20.02 2.07 11.09
CA ALA B 50 19.48 3.01 10.12
C ALA B 50 18.12 2.55 9.58
N TYR B 51 18.00 1.25 9.31
CA TYR B 51 16.72 0.62 8.96
C TYR B 51 15.64 0.90 10.03
N SER B 52 16.02 0.78 11.30
CA SER B 52 15.10 1.04 12.43
C SER B 52 14.62 2.48 12.52
N ILE B 53 15.46 3.44 12.12
CA ILE B 53 15.05 4.84 12.04
C ILE B 53 13.97 5.02 10.98
N LEU B 54 14.16 4.40 9.82
CA LEU B 54 13.18 4.44 8.73
C LEU B 54 11.85 3.79 9.14
N SER B 55 11.95 2.68 9.89
CA SER B 55 10.78 2.04 10.49
C SER B 55 10.08 2.93 11.51
N GLU B 56 10.88 3.64 12.31
CA GLU B 56 10.34 4.59 13.30
C GLU B 56 9.63 5.77 12.61
N VAL B 57 10.18 6.23 11.49
CA VAL B 57 9.56 7.31 10.71
C VAL B 57 8.17 6.88 10.24
N GLN B 58 8.10 5.71 9.61
CA GLN B 58 6.85 5.23 9.05
C GLN B 58 5.79 4.88 10.08
N GLN B 59 6.19 4.31 11.22
CA GLN B 59 5.25 4.06 12.31
C GLN B 59 4.74 5.39 12.91
N ALA B 60 5.64 6.36 13.05
CA ALA B 60 5.29 7.70 13.54
C ALA B 60 4.34 8.44 12.60
N VAL B 61 4.57 8.33 11.29
CA VAL B 61 3.69 8.93 10.27
C VAL B 61 2.29 8.33 10.31
N SER B 62 2.21 6.98 10.32
CA SER B 62 0.93 6.28 10.28
C SER B 62 0.11 6.41 11.58
N GLN B 63 0.79 6.50 12.73
CA GLN B 63 0.11 6.73 14.01
C GLN B 63 -0.15 8.22 14.32
N GLY B 64 0.49 9.11 13.57
CA GLY B 64 0.15 10.54 13.57
C GLY B 64 0.67 11.34 14.75
N SER B 65 0.38 12.64 14.73
CA SER B 65 0.71 13.59 15.81
C SER B 65 2.20 13.65 16.15
N SER B 66 3.06 13.52 15.15
CA SER B 66 4.51 13.37 15.38
C SER B 66 5.41 14.03 14.33
N ASP B 67 4.95 15.10 13.69
CA ASP B 67 5.75 15.80 12.65
C ASP B 67 7.09 16.30 13.15
N SER B 68 7.08 16.87 14.36
CA SER B 68 8.31 17.28 15.05
C SER B 68 9.28 16.10 15.25
N GLN B 69 8.74 14.97 15.72
CA GLN B 69 9.54 13.73 15.89
C GLN B 69 10.13 13.24 14.56
N ILE B 70 9.34 13.34 13.49
CA ILE B 70 9.78 12.91 12.15
C ILE B 70 11.00 13.70 11.66
N LEU B 71 11.05 15.01 11.95
CA LEU B 71 12.22 15.82 11.62
C LEU B 71 13.44 15.40 12.42
N ASP B 72 13.24 15.14 13.71
CA ASP B 72 14.30 14.62 14.58
C ASP B 72 14.85 13.29 14.05
N LEU B 73 13.94 12.38 13.66
CA LEU B 73 14.33 11.07 13.12
C LEU B 73 15.07 11.19 11.79
N SER B 74 14.59 12.08 10.93
CA SER B 74 15.27 12.40 9.67
C SER B 74 16.71 12.87 9.93
N ASN B 75 16.87 13.76 10.91
CA ASN B 75 18.19 14.27 11.30
C ASN B 75 19.12 13.19 11.87
N ARG B 76 18.57 12.27 12.67
CA ARG B 76 19.34 11.14 13.21
C ARG B 76 19.89 10.23 12.10
N PHE B 77 19.08 10.01 11.06
CA PHE B 77 19.50 9.21 9.91
C PHE B 77 20.77 9.78 9.27
N TYR B 78 20.77 11.09 9.02
CA TYR B 78 21.93 11.78 8.42
C TYR B 78 23.11 11.94 9.37
N THR B 79 22.87 11.80 10.67
CA THR B 79 23.94 11.69 11.67
C THR B 79 24.49 10.26 11.71
N LEU B 80 23.61 9.27 11.65
CA LEU B 80 24.00 7.85 11.67
C LEU B 80 24.72 7.42 10.40
N ILE B 81 24.19 7.86 9.26
CA ILE B 81 24.82 7.64 7.95
C ILE B 81 25.25 9.02 7.42
N PRO B 82 26.54 9.39 7.60
CA PRO B 82 26.96 10.73 7.15
C PRO B 82 26.88 10.89 5.63
N HIS B 83 26.21 11.96 5.20
CA HIS B 83 26.09 12.32 3.79
C HIS B 83 26.80 13.64 3.53
N ASP B 84 27.17 13.85 2.27
CA ASP B 84 27.75 15.11 1.83
C ASP B 84 27.00 15.59 0.58
N PHE B 85 26.04 16.48 0.79
CA PHE B 85 25.27 17.11 -0.29
C PHE B 85 25.87 18.46 -0.74
N GLY B 86 27.04 18.83 -0.21
CA GLY B 86 27.69 20.09 -0.55
C GLY B 86 26.96 21.29 0.06
N MET B 87 26.42 22.14 -0.81
CA MET B 87 25.58 23.27 -0.40
C MET B 87 24.09 22.94 -0.49
N LYS B 88 23.76 21.78 -1.06
CA LYS B 88 22.38 21.37 -1.25
C LYS B 88 21.77 20.88 0.07
N LYS B 89 20.45 21.00 0.15
CA LYS B 89 19.67 20.59 1.33
C LYS B 89 19.43 19.08 1.28
N PRO B 90 19.82 18.34 2.35
CA PRO B 90 19.52 16.90 2.39
C PRO B 90 18.01 16.60 2.34
N PRO B 91 17.58 15.64 1.49
CA PRO B 91 16.14 15.31 1.37
C PRO B 91 15.50 14.95 2.73
N LEU B 92 14.36 15.57 3.01
CA LEU B 92 13.67 15.36 4.29
C LEU B 92 12.89 14.04 4.26
N LEU B 93 13.02 13.24 5.31
CA LEU B 93 12.35 11.94 5.42
C LEU B 93 10.99 12.07 6.12
N ASN B 94 10.04 12.70 5.42
CA ASN B 94 8.69 12.94 5.94
C ASN B 94 7.59 12.45 5.00
N ASN B 95 7.94 11.53 4.10
CA ASN B 95 7.03 11.03 3.08
C ASN B 95 7.49 9.68 2.54
N ALA B 96 6.56 8.94 1.94
CA ALA B 96 6.81 7.59 1.44
C ALA B 96 8.00 7.51 0.50
N ASP B 97 8.03 8.40 -0.51
CA ASP B 97 9.07 8.39 -1.55
C ASP B 97 10.48 8.56 -0.99
N SER B 98 10.63 9.43 0.00
CA SER B 98 11.91 9.63 0.68
C SER B 98 12.35 8.40 1.47
N VAL B 99 11.42 7.78 2.19
CA VAL B 99 11.70 6.58 2.96
C VAL B 99 12.00 5.37 2.06
N GLN B 100 11.29 5.27 0.93
CA GLN B 100 11.55 4.23 -0.07
C GLN B 100 12.94 4.38 -0.69
N ALA B 101 13.35 5.62 -0.94
CA ALA B 101 14.68 5.92 -1.48
C ALA B 101 15.80 5.48 -0.53
N LYS B 102 15.67 5.80 0.76
CA LYS B 102 16.65 5.40 1.76
C LYS B 102 16.64 3.90 2.06
N ALA B 103 15.46 3.28 2.02
CA ALA B 103 15.34 1.83 2.17
C ALA B 103 16.10 1.08 1.08
N GLU B 104 15.92 1.52 -0.16
CA GLU B 104 16.63 0.94 -1.31
C GLU B 104 18.14 1.15 -1.16
N MET B 105 18.54 2.33 -0.70
CA MET B 105 19.95 2.65 -0.46
C MET B 105 20.59 1.74 0.61
N LEU B 106 19.88 1.50 1.71
CA LEU B 106 20.38 0.63 2.78
C LEU B 106 20.45 -0.85 2.38
N ASP B 107 19.58 -1.28 1.46
CA ASP B 107 19.70 -2.62 0.84
C ASP B 107 21.06 -2.74 0.15
N ASN B 108 21.39 -1.75 -0.65
CA ASN B 108 22.66 -1.71 -1.37
C ASN B 108 23.89 -1.65 -0.44
N LEU B 109 23.79 -0.89 0.65
CA LEU B 109 24.86 -0.83 1.65
C LEU B 109 25.06 -2.16 2.36
N LEU B 110 23.97 -2.83 2.74
CA LEU B 110 24.05 -4.18 3.33
C LEU B 110 24.87 -5.14 2.47
N ASP B 111 24.58 -5.18 1.17
CA ASP B 111 25.29 -6.06 0.24
C ASP B 111 26.74 -5.61 -0.01
N ILE B 112 26.99 -4.30 0.01
CA ILE B 112 28.36 -3.76 -0.05
C ILE B 112 29.19 -4.18 1.17
N GLU B 113 28.57 -4.09 2.35
CA GLU B 113 29.20 -4.55 3.60
C GLU B 113 29.55 -6.04 3.53
N VAL B 114 28.61 -6.84 3.04
CA VAL B 114 28.82 -8.28 2.84
C VAL B 114 29.96 -8.55 1.87
N ALA B 115 30.03 -7.78 0.79
CA ALA B 115 31.09 -7.91 -0.23
C ALA B 115 32.47 -7.57 0.32
N TYR B 116 32.56 -6.47 1.06
CA TYR B 116 33.82 -6.02 1.66
C TYR B 116 34.29 -6.95 2.80
N SER B 117 33.33 -7.38 3.62
CA SER B 117 33.59 -8.34 4.69
C SER B 117 34.14 -9.67 4.16
N LEU B 118 33.53 -10.17 3.07
CA LEU B 118 34.06 -11.34 2.35
C LEU B 118 35.49 -11.15 1.90
N LEU B 119 35.73 -10.03 1.22
CA LEU B 119 37.05 -9.70 0.64
C LEU B 119 38.16 -9.60 1.68
N ARG B 120 37.87 -9.01 2.84
CA ARG B 120 38.85 -8.82 3.90
C ARG B 120 38.88 -9.96 4.93
N GLY B 121 37.95 -10.90 4.83
CA GLY B 121 37.90 -12.09 5.70
C GLY B 121 38.55 -13.31 5.08
N GLY B 122 38.27 -14.47 5.68
CA GLY B 122 38.81 -15.74 5.20
C GLY B 122 40.31 -15.90 5.44
N SER B 123 40.91 -16.81 4.69
CA SER B 123 42.36 -17.01 4.69
C SER B 123 42.97 -16.33 3.48
N ASP B 124 44.26 -16.00 3.58
CA ASP B 124 44.98 -15.37 2.47
C ASP B 124 46.29 -16.11 2.22
N ASP B 125 46.63 -16.26 0.93
CA ASP B 125 47.77 -17.03 0.49
C ASP B 125 48.50 -16.25 -0.60
N SER B 126 49.76 -15.90 -0.35
CA SER B 126 50.59 -15.18 -1.32
C SER B 126 50.93 -16.01 -2.57
N SER B 127 50.97 -17.33 -2.42
CA SER B 127 51.23 -18.25 -3.55
C SER B 127 50.06 -18.37 -4.54
N LYS B 128 48.86 -18.00 -4.12
CA LYS B 128 47.66 -18.02 -4.97
C LYS B 128 47.47 -16.70 -5.72
N ASP B 129 46.84 -16.79 -6.89
CA ASP B 129 46.33 -15.63 -7.60
C ASP B 129 45.13 -15.12 -6.79
N PRO B 130 45.08 -13.79 -6.50
CA PRO B 130 43.89 -13.27 -5.79
C PRO B 130 42.55 -13.47 -6.53
N ILE B 131 42.59 -13.69 -7.85
CA ILE B 131 41.40 -14.07 -8.61
C ILE B 131 40.85 -15.42 -8.14
N ASP B 132 41.75 -16.39 -7.93
CA ASP B 132 41.38 -17.72 -7.43
C ASP B 132 40.92 -17.70 -5.96
N VAL B 133 41.56 -16.87 -5.14
CA VAL B 133 41.17 -16.72 -3.74
C VAL B 133 39.78 -16.10 -3.64
N ASN B 134 39.52 -15.06 -4.44
CA ASN B 134 38.21 -14.40 -4.47
C ASN B 134 37.11 -15.27 -5.07
N TYR B 135 37.44 -16.06 -6.09
CA TYR B 135 36.51 -17.06 -6.63
C TYR B 135 36.05 -18.04 -5.56
N GLU B 136 37.01 -18.58 -4.80
CA GLU B 136 36.71 -19.52 -3.71
C GLU B 136 35.75 -18.96 -2.67
N LYS B 137 35.90 -17.68 -2.34
CA LYS B 137 35.03 -17.00 -1.37
C LYS B 137 33.55 -17.00 -1.74
N LEU B 138 33.26 -17.00 -3.05
CA LEU B 138 31.88 -17.01 -3.53
C LEU B 138 31.14 -18.31 -3.27
N LYS B 139 31.87 -19.42 -3.15
CA LYS B 139 31.28 -20.76 -2.94
C LYS B 139 30.22 -21.05 -3.99
N THR B 140 30.58 -20.77 -5.24
CA THR B 140 29.66 -20.85 -6.38
C THR B 140 30.42 -21.40 -7.57
N ASP B 141 29.89 -22.47 -8.18
CA ASP B 141 30.43 -22.99 -9.42
C ASP B 141 29.96 -22.07 -10.54
N ILE B 142 30.90 -21.44 -11.24
CA ILE B 142 30.60 -20.56 -12.37
C ILE B 142 31.23 -21.15 -13.62
N LYS B 143 30.41 -21.42 -14.63
CA LYS B 143 30.86 -21.93 -15.92
C LYS B 143 30.36 -21.02 -17.04
N VAL B 144 31.20 -20.80 -18.05
CA VAL B 144 30.81 -20.00 -19.22
C VAL B 144 29.93 -20.86 -20.12
N VAL B 145 28.72 -20.37 -20.42
CA VAL B 145 27.83 -21.06 -21.36
C VAL B 145 28.39 -20.83 -22.76
N ASP B 146 28.36 -21.89 -23.57
CA ASP B 146 28.89 -21.81 -24.93
C ASP B 146 27.96 -20.95 -25.78
N ARG B 147 28.56 -20.06 -26.57
CA ARG B 147 27.84 -19.07 -27.36
C ARG B 147 26.89 -19.69 -28.39
N ASP B 148 27.26 -20.85 -28.93
CA ASP B 148 26.47 -21.58 -29.93
C ASP B 148 25.51 -22.63 -29.34
N SER B 149 25.41 -22.71 -28.01
CA SER B 149 24.56 -23.69 -27.35
C SER B 149 23.08 -23.37 -27.44
N GLU B 150 22.25 -24.37 -27.15
CA GLU B 150 20.79 -24.22 -27.13
C GLU B 150 20.33 -23.30 -25.99
N GLU B 151 20.97 -23.43 -24.82
CA GLU B 151 20.78 -22.51 -23.69
C GLU B 151 21.00 -21.04 -24.09
N ALA B 152 22.09 -20.77 -24.80
CA ALA B 152 22.44 -19.41 -25.21
C ALA B 152 21.45 -18.81 -26.21
N GLU B 153 20.96 -19.64 -27.14
CA GLU B 153 19.95 -19.22 -28.12
C GLU B 153 18.63 -18.83 -27.47
N ILE B 154 18.20 -19.60 -26.47
CA ILE B 154 16.99 -19.31 -25.72
C ILE B 154 17.16 -18.04 -24.87
N ILE B 155 18.29 -17.95 -24.18
CA ILE B 155 18.61 -16.77 -23.35
C ILE B 155 18.71 -15.50 -24.19
N ARG B 156 19.38 -15.56 -25.35
CA ARG B 156 19.44 -14.41 -26.26
C ARG B 156 18.06 -14.01 -26.80
N LYS B 157 17.24 -15.01 -27.13
CA LYS B 157 15.87 -14.78 -27.58
C LYS B 157 15.02 -14.11 -26.49
N TYR B 158 15.25 -14.51 -25.23
CA TYR B 158 14.59 -13.89 -24.07
C TYR B 158 14.99 -12.41 -23.93
N VAL B 159 16.27 -12.11 -24.13
CA VAL B 159 16.75 -10.72 -24.15
C VAL B 159 16.20 -9.95 -25.36
N LYS B 160 16.20 -10.62 -26.52
CA LYS B 160 15.77 -10.02 -27.80
C LYS B 160 14.29 -9.61 -27.82
N ASN B 161 13.41 -10.48 -27.31
CA ASN B 161 11.96 -10.25 -27.39
C ASN B 161 11.33 -9.41 -26.28
N THR B 162 12.02 -9.23 -25.15
CA THR B 162 11.40 -8.66 -23.94
C THR B 162 11.99 -7.31 -23.51
N HIS B 163 12.59 -6.58 -24.44
CA HIS B 163 13.08 -5.22 -24.19
C HIS B 163 11.93 -4.26 -24.50
N ALA B 164 11.36 -3.65 -23.46
CA ALA B 164 10.20 -2.79 -23.62
C ALA B 164 10.52 -1.51 -24.39
N THR B 165 9.58 -1.08 -25.23
CA THR B 165 9.74 0.09 -26.09
C THR B 165 9.92 1.40 -25.30
N THR B 166 9.28 1.50 -24.14
CA THR B 166 9.42 2.69 -23.26
C THR B 166 10.79 2.77 -22.57
N HIS B 167 11.53 1.66 -22.51
CA HIS B 167 12.91 1.66 -22.03
C HIS B 167 13.86 1.89 -23.20
N ASN B 168 13.77 3.09 -23.79
CA ASN B 168 14.48 3.45 -25.03
C ASN B 168 15.74 4.28 -24.81
N ALA B 169 16.15 4.45 -23.54
CA ALA B 169 17.39 5.13 -23.21
C ALA B 169 18.63 4.37 -23.69
N TYR B 170 18.50 3.05 -23.87
CA TYR B 170 19.61 2.19 -24.27
C TYR B 170 19.12 0.97 -25.04
N ASP B 171 20.07 0.24 -25.63
CA ASP B 171 19.83 -1.15 -26.06
C ASP B 171 20.90 -2.06 -25.45
N LEU B 172 20.58 -3.34 -25.34
CA LEU B 172 21.40 -4.31 -24.63
C LEU B 172 22.16 -5.23 -25.57
N GLU B 173 23.40 -5.54 -25.20
CA GLU B 173 24.24 -6.51 -25.90
C GLU B 173 24.75 -7.51 -24.86
N VAL B 174 24.54 -8.80 -25.12
CA VAL B 174 25.00 -9.87 -24.22
C VAL B 174 26.48 -10.10 -24.47
N ILE B 175 27.30 -9.97 -23.42
CA ILE B 175 28.75 -10.17 -23.52
C ILE B 175 29.09 -11.62 -23.14
N ASP B 176 28.70 -11.99 -21.92
CA ASP B 176 28.95 -13.34 -21.38
C ASP B 176 27.68 -13.88 -20.74
N ILE B 177 27.49 -15.20 -20.86
CA ILE B 177 26.42 -15.92 -20.18
C ILE B 177 27.10 -16.96 -19.30
N PHE B 178 26.85 -16.87 -17.99
CA PHE B 178 27.45 -17.78 -17.02
C PHE B 178 26.37 -18.68 -16.45
N LYS B 179 26.63 -19.98 -16.40
CA LYS B 179 25.79 -20.92 -15.66
C LYS B 179 26.31 -20.96 -14.24
N ILE B 180 25.43 -20.73 -13.27
CA ILE B 180 25.83 -20.61 -11.86
C ILE B 180 25.12 -21.63 -10.97
N GLU B 181 25.85 -22.13 -9.98
CA GLU B 181 25.34 -23.10 -9.02
C GLU B 181 25.93 -22.77 -7.65
N ARG B 182 25.17 -22.05 -6.83
CA ARG B 182 25.60 -21.70 -5.48
C ARG B 182 25.65 -22.96 -4.62
N GLU B 183 26.63 -23.03 -3.73
CA GLU B 183 26.79 -24.18 -2.86
C GLU B 183 25.56 -24.36 -1.96
N GLY B 184 24.91 -25.51 -2.08
CA GLY B 184 23.78 -25.87 -1.23
C GLY B 184 22.40 -25.34 -1.64
N GLU B 185 22.32 -24.53 -2.69
CA GLU B 185 21.04 -23.91 -3.09
C GLU B 185 20.06 -24.89 -3.74
N CYS B 186 20.58 -25.89 -4.47
CA CYS B 186 19.73 -26.95 -5.04
C CYS B 186 19.03 -27.76 -3.95
N GLN B 187 19.76 -28.13 -2.90
CA GLN B 187 19.18 -28.79 -1.73
C GLN B 187 18.08 -27.94 -1.08
N ARG B 188 18.38 -26.65 -0.86
CA ARG B 188 17.42 -25.70 -0.28
C ARG B 188 16.18 -25.47 -1.15
N TYR B 189 16.35 -25.54 -2.47
CA TYR B 189 15.25 -25.35 -3.42
C TYR B 189 14.36 -26.59 -3.57
N LYS B 190 14.86 -27.78 -3.22
CA LYS B 190 14.18 -29.06 -3.51
C LYS B 190 12.71 -29.17 -3.06
N PRO B 191 12.35 -28.62 -1.88
CA PRO B 191 10.93 -28.59 -1.51
C PRO B 191 10.01 -27.85 -2.50
N PHE B 192 10.55 -26.83 -3.17
CA PHE B 192 9.79 -26.04 -4.15
C PHE B 192 10.01 -26.45 -5.62
N LYS B 193 10.92 -27.38 -5.87
CA LYS B 193 11.08 -27.98 -7.20
C LYS B 193 9.82 -28.77 -7.64
N GLN B 194 9.07 -29.25 -6.66
CA GLN B 194 7.78 -29.93 -6.89
C GLN B 194 6.69 -28.96 -7.31
N LEU B 195 6.67 -27.79 -6.69
CA LEU B 195 5.59 -26.80 -6.85
C LEU B 195 5.36 -26.35 -8.30
N HIS B 196 4.08 -26.11 -8.62
CA HIS B 196 3.66 -25.65 -9.95
C HIS B 196 4.02 -24.19 -10.23
N ASN B 197 3.85 -23.79 -11.50
CA ASN B 197 4.09 -22.43 -11.95
C ASN B 197 5.51 -21.93 -11.67
N ARG B 198 6.49 -22.74 -12.04
CA ARG B 198 7.90 -22.37 -11.93
C ARG B 198 8.30 -21.63 -13.19
N ARG B 199 8.88 -20.44 -13.03
CA ARG B 199 9.23 -19.56 -14.16
C ARG B 199 10.68 -19.10 -14.10
N LEU B 200 11.30 -18.93 -15.27
CA LEU B 200 12.63 -18.37 -15.40
C LEU B 200 12.49 -16.85 -15.56
N LEU B 201 12.91 -16.10 -14.53
CA LEU B 201 12.67 -14.64 -14.49
C LEU B 201 13.95 -13.87 -14.22
N TRP B 202 13.91 -12.58 -14.57
CA TRP B 202 15.07 -11.69 -14.45
C TRP B 202 15.15 -11.05 -13.07
N HIS B 203 16.37 -10.89 -12.55
CA HIS B 203 16.64 -10.00 -11.42
C HIS B 203 17.90 -9.19 -11.69
N GLY B 204 17.72 -7.88 -11.81
CA GLY B 204 18.83 -6.95 -12.01
C GLY B 204 19.19 -6.27 -10.71
N SER B 205 20.49 -6.09 -10.51
CA SER B 205 21.03 -5.44 -9.32
C SER B 205 22.34 -4.81 -9.72
N ARG B 206 22.80 -3.79 -9.00
CA ARG B 206 24.05 -3.14 -9.36
C ARG B 206 25.24 -4.06 -9.03
N THR B 207 26.31 -3.92 -9.79
CA THR B 207 27.43 -4.88 -9.81
C THR B 207 28.06 -5.08 -8.43
N THR B 208 28.07 -4.02 -7.63
CA THR B 208 28.59 -4.04 -6.25
C THR B 208 27.78 -4.91 -5.26
N ASN B 209 26.61 -5.42 -5.65
CA ASN B 209 25.83 -6.34 -4.82
C ASN B 209 26.09 -7.82 -5.09
N PHE B 210 26.83 -8.14 -6.16
CA PHE B 210 26.92 -9.54 -6.63
C PHE B 210 27.86 -10.46 -5.85
N ALA B 211 28.81 -9.92 -5.10
CA ALA B 211 29.58 -10.72 -4.15
C ALA B 211 28.64 -11.28 -3.07
N GLY B 212 27.78 -10.41 -2.53
CA GLY B 212 26.75 -10.81 -1.58
C GLY B 212 25.70 -11.74 -2.16
N ILE B 213 25.24 -11.46 -3.37
CA ILE B 213 24.23 -12.30 -4.03
C ILE B 213 24.76 -13.70 -4.32
N LEU B 214 26.02 -13.81 -4.76
CA LEU B 214 26.60 -15.11 -5.08
C LEU B 214 27.02 -15.90 -3.84
N SER B 215 27.49 -15.22 -2.79
CA SER B 215 27.87 -15.90 -1.55
C SER B 215 26.65 -16.25 -0.70
N GLN B 216 25.78 -15.27 -0.45
CA GLN B 216 24.64 -15.43 0.46
C GLN B 216 23.35 -15.88 -0.22
N GLY B 217 23.29 -15.74 -1.55
CA GLY B 217 22.02 -15.86 -2.29
C GLY B 217 21.28 -14.53 -2.27
N LEU B 218 20.20 -14.43 -3.03
CA LEU B 218 19.27 -13.31 -2.91
C LEU B 218 18.57 -13.46 -1.56
N ARG B 219 18.69 -12.44 -0.72
CA ARG B 219 18.09 -12.44 0.62
C ARG B 219 16.92 -11.49 0.66
N ILE B 220 16.09 -11.65 1.69
CA ILE B 220 15.00 -10.72 1.97
C ILE B 220 15.57 -9.64 2.90
N ALA B 221 15.08 -8.40 2.76
CA ALA B 221 15.51 -7.30 3.62
C ALA B 221 15.26 -7.66 5.09
N PRO B 222 16.16 -7.23 6.01
CA PRO B 222 16.09 -7.75 7.38
C PRO B 222 14.85 -7.28 8.18
N PRO B 223 14.61 -7.89 9.36
CA PRO B 223 13.46 -7.51 10.22
C PRO B 223 13.36 -6.01 10.52
N GLU B 224 14.50 -5.34 10.66
CA GLU B 224 14.55 -3.91 10.99
C GLU B 224 14.04 -3.02 9.86
N ALA B 225 14.13 -3.49 8.62
CA ALA B 225 13.71 -2.70 7.45
C ALA B 225 12.21 -2.47 7.46
N PRO B 226 11.76 -1.28 6.99
CA PRO B 226 10.33 -0.98 6.96
C PRO B 226 9.62 -1.75 5.85
N VAL B 227 8.58 -2.52 6.20
CA VAL B 227 7.79 -3.23 5.19
C VAL B 227 7.15 -2.27 4.17
N THR B 228 6.81 -1.07 4.64
CA THR B 228 6.26 -0.02 3.80
C THR B 228 7.27 0.69 2.88
N GLY B 229 8.56 0.38 3.01
CA GLY B 229 9.60 0.89 2.11
C GLY B 229 9.68 0.24 0.73
N TYR B 230 8.87 -0.80 0.50
CA TYR B 230 8.88 -1.53 -0.77
C TYR B 230 7.44 -1.76 -1.22
N MET B 231 7.18 -1.58 -2.52
CA MET B 231 5.81 -1.61 -3.08
C MET B 231 4.99 -2.82 -2.64
N PHE B 232 5.60 -3.99 -2.67
CA PHE B 232 4.92 -5.24 -2.30
C PHE B 232 5.54 -5.90 -1.06
N GLY B 233 6.06 -5.07 -0.16
CA GLY B 233 6.69 -5.54 1.07
C GLY B 233 8.04 -6.20 0.87
N LYS B 234 8.48 -6.91 1.91
CA LYS B 234 9.84 -7.44 1.98
C LYS B 234 9.89 -8.86 1.41
N GLY B 235 10.19 -8.93 0.11
CA GLY B 235 10.38 -10.17 -0.62
C GLY B 235 11.46 -10.01 -1.65
N ILE B 236 11.61 -11.03 -2.50
CA ILE B 236 12.59 -11.01 -3.59
C ILE B 236 11.80 -10.77 -4.88
N TYR B 237 12.19 -9.74 -5.63
CA TYR B 237 11.42 -9.22 -6.75
C TYR B 237 12.06 -9.61 -8.07
N PHE B 238 11.23 -10.06 -9.01
CA PHE B 238 11.67 -10.47 -10.35
C PHE B 238 10.75 -9.85 -11.41
N ALA B 239 11.24 -9.83 -12.65
CA ALA B 239 10.47 -9.36 -13.81
C ALA B 239 10.54 -10.37 -14.95
N ASP B 240 9.56 -10.30 -15.86
CA ASP B 240 9.57 -11.10 -17.10
C ASP B 240 10.04 -10.30 -18.33
N MET B 241 10.18 -8.99 -18.19
CA MET B 241 10.78 -8.12 -19.20
C MET B 241 12.22 -7.86 -18.79
N VAL B 242 13.17 -8.22 -19.66
CA VAL B 242 14.60 -8.02 -19.38
C VAL B 242 14.95 -6.55 -19.11
N SER B 243 14.29 -5.63 -19.82
CA SER B 243 14.59 -4.20 -19.70
C SER B 243 14.15 -3.60 -18.37
N LYS B 244 13.09 -4.15 -17.77
CA LYS B 244 12.66 -3.73 -16.42
C LYS B 244 13.72 -4.06 -15.38
N SER B 245 14.15 -5.33 -15.36
CA SER B 245 15.23 -5.76 -14.47
C SER B 245 16.55 -5.06 -14.81
N ALA B 246 16.82 -4.86 -16.10
CA ALA B 246 18.02 -4.13 -16.54
C ALA B 246 18.10 -2.70 -16.00
N ASN B 247 16.97 -2.02 -15.85
CA ASN B 247 16.94 -0.69 -15.23
C ASN B 247 17.45 -0.72 -13.79
N TYR B 248 17.12 -1.80 -13.08
CA TYR B 248 17.56 -1.99 -11.70
C TYR B 248 19.04 -2.39 -11.53
N CYS B 249 19.77 -2.51 -12.63
CA CYS B 249 21.24 -2.54 -12.57
C CYS B 249 21.81 -1.17 -12.18
N HIS B 250 21.09 -0.09 -12.49
CA HIS B 250 21.57 1.27 -12.28
C HIS B 250 22.93 1.51 -12.95
N THR B 251 23.03 1.04 -14.19
CA THR B 251 24.16 1.34 -15.05
C THR B 251 23.99 2.75 -15.60
N SER B 252 25.08 3.30 -16.11
CA SER B 252 25.08 4.64 -16.69
C SER B 252 26.10 4.70 -17.81
N GLN B 253 26.27 5.86 -18.43
CA GLN B 253 27.32 6.06 -19.43
C GLN B 253 28.73 6.00 -18.81
N GLY B 254 28.83 6.31 -17.52
CA GLY B 254 30.07 6.14 -16.76
C GLY B 254 30.49 4.68 -16.61
N ASP B 255 29.55 3.84 -16.18
CA ASP B 255 29.78 2.39 -16.05
C ASP B 255 28.63 1.64 -16.75
N PRO B 256 28.77 1.38 -18.06
CA PRO B 256 27.69 0.78 -18.86
C PRO B 256 27.66 -0.77 -18.89
N ILE B 257 28.47 -1.44 -18.06
CA ILE B 257 28.46 -2.89 -17.95
C ILE B 257 27.63 -3.29 -16.73
N GLY B 258 26.52 -3.98 -16.96
CA GLY B 258 25.64 -4.46 -15.90
C GLY B 258 25.63 -5.97 -15.78
N LEU B 259 25.14 -6.47 -14.64
CA LEU B 259 24.94 -7.89 -14.41
C LEU B 259 23.48 -8.15 -14.04
N ILE B 260 22.87 -9.17 -14.66
CA ILE B 260 21.49 -9.58 -14.39
C ILE B 260 21.42 -11.10 -14.19
N LEU B 261 20.58 -11.52 -13.26
CA LEU B 261 20.36 -12.93 -12.96
C LEU B 261 19.14 -13.47 -13.70
N LEU B 262 19.23 -14.74 -14.10
CA LEU B 262 18.06 -15.52 -14.46
C LEU B 262 17.89 -16.55 -13.35
N GLY B 263 16.78 -16.43 -12.61
CA GLY B 263 16.47 -17.35 -11.51
C GLY B 263 15.25 -18.19 -11.82
N GLU B 264 15.27 -19.46 -11.41
CA GLU B 264 14.07 -20.29 -11.40
C GLU B 264 13.29 -19.94 -10.13
N VAL B 265 12.11 -19.35 -10.32
CA VAL B 265 11.29 -18.88 -9.19
C VAL B 265 10.02 -19.72 -9.12
N ALA B 266 9.84 -20.44 -8.02
CA ALA B 266 8.63 -21.24 -7.79
C ALA B 266 7.49 -20.35 -7.33
N LEU B 267 6.65 -19.91 -8.27
CA LEU B 267 5.58 -18.93 -7.98
C LEU B 267 4.30 -19.52 -7.41
N GLY B 268 3.93 -20.72 -7.84
CA GLY B 268 2.69 -21.38 -7.39
C GLY B 268 1.44 -20.56 -7.67
N ASN B 269 0.56 -20.47 -6.67
CA ASN B 269 -0.63 -19.61 -6.74
C ASN B 269 -0.25 -18.15 -6.55
N MET B 270 -0.51 -17.35 -7.58
CA MET B 270 -0.11 -15.94 -7.58
C MET B 270 -1.24 -15.07 -7.06
N TYR B 271 -0.97 -14.35 -5.97
CA TYR B 271 -1.89 -13.35 -5.46
C TYR B 271 -1.71 -12.09 -6.30
N GLU B 272 -2.67 -11.86 -7.20
CA GLU B 272 -2.53 -10.86 -8.25
C GLU B 272 -2.98 -9.50 -7.76
N LEU B 273 -2.10 -8.50 -7.91
CA LEU B 273 -2.34 -7.16 -7.38
C LEU B 273 -2.00 -6.11 -8.43
N LYS B 274 -2.75 -5.00 -8.39
CA LYS B 274 -2.58 -3.90 -9.32
C LYS B 274 -1.90 -2.68 -8.69
N HIS B 275 -1.81 -2.65 -7.36
CA HIS B 275 -1.31 -1.48 -6.62
C HIS B 275 -0.56 -1.93 -5.38
N ALA B 276 0.08 -0.98 -4.70
CA ALA B 276 0.98 -1.29 -3.57
C ALA B 276 0.28 -2.07 -2.45
N SER B 277 1.01 -3.01 -1.86
CA SER B 277 0.49 -3.82 -0.75
C SER B 277 1.66 -4.28 0.14
N HIS B 278 1.83 -3.59 1.27
CA HIS B 278 3.04 -3.72 2.09
C HIS B 278 2.93 -4.88 3.07
N ILE B 279 3.37 -6.06 2.63
CA ILE B 279 3.19 -7.31 3.39
C ILE B 279 4.50 -8.05 3.69
N SER B 280 4.55 -8.71 4.84
CA SER B 280 5.66 -9.58 5.23
C SER B 280 5.37 -11.05 4.91
N LYS B 281 4.12 -11.47 5.19
CA LYS B 281 3.65 -12.83 4.88
C LYS B 281 2.59 -12.78 3.78
N LEU B 282 2.37 -13.92 3.14
CA LEU B 282 1.27 -14.08 2.18
C LEU B 282 0.08 -14.74 2.88
N PRO B 283 -1.13 -14.59 2.31
CA PRO B 283 -2.23 -15.42 2.79
C PRO B 283 -1.97 -16.90 2.53
N LYS B 284 -2.47 -17.74 3.44
CA LYS B 284 -2.31 -19.18 3.37
C LYS B 284 -2.94 -19.69 2.08
N GLY B 285 -2.18 -20.44 1.29
CA GLY B 285 -2.63 -20.90 -0.04
C GLY B 285 -2.13 -20.10 -1.22
N LYS B 286 -1.45 -18.97 -0.97
CA LYS B 286 -0.76 -18.18 -2.00
C LYS B 286 0.74 -18.27 -1.78
N HIS B 287 1.50 -18.51 -2.85
CA HIS B 287 2.96 -18.69 -2.77
C HIS B 287 3.80 -17.55 -3.39
N SER B 288 3.14 -16.59 -4.04
CA SER B 288 3.80 -15.40 -4.57
C SER B 288 2.80 -14.28 -4.84
N VAL B 289 3.33 -13.07 -5.06
CA VAL B 289 2.56 -11.95 -5.58
C VAL B 289 2.93 -11.75 -7.05
N LYS B 290 1.91 -11.54 -7.89
CA LYS B 290 2.12 -11.04 -9.23
C LYS B 290 1.58 -9.61 -9.31
N GLY B 291 2.49 -8.65 -9.46
CA GLY B 291 2.12 -7.29 -9.81
C GLY B 291 1.73 -7.27 -11.28
N LEU B 292 0.46 -6.98 -11.56
CA LEU B 292 -0.07 -7.02 -12.92
C LEU B 292 0.29 -5.77 -13.72
N GLY B 293 1.04 -5.95 -14.81
CA GLY B 293 1.37 -4.85 -15.71
C GLY B 293 0.38 -4.67 -16.84
N LYS B 294 0.37 -3.47 -17.42
CA LYS B 294 -0.42 -3.17 -18.62
C LYS B 294 0.09 -3.90 -19.87
N THR B 295 1.39 -4.17 -19.93
CA THR B 295 2.01 -4.95 -21.00
C THR B 295 2.51 -6.29 -20.44
N THR B 296 2.35 -7.35 -21.23
CA THR B 296 2.63 -8.72 -20.80
C THR B 296 3.27 -9.54 -21.93
N PRO B 297 4.11 -10.55 -21.58
CA PRO B 297 4.66 -11.40 -22.64
C PRO B 297 3.59 -12.28 -23.29
N ASP B 298 3.65 -12.43 -24.61
CA ASP B 298 2.67 -13.23 -25.35
C ASP B 298 2.67 -14.68 -24.82
N PRO B 299 1.55 -15.13 -24.22
CA PRO B 299 1.52 -16.49 -23.65
C PRO B 299 1.68 -17.65 -24.66
N SER B 300 1.33 -17.40 -25.93
CA SER B 300 1.49 -18.41 -26.99
C SER B 300 2.96 -18.74 -27.31
N ALA B 301 3.86 -17.77 -27.08
CA ALA B 301 5.28 -17.94 -27.41
C ALA B 301 6.14 -18.53 -26.27
N ASN B 302 5.53 -18.99 -25.18
CA ASN B 302 6.28 -19.55 -24.04
C ASN B 302 6.90 -20.90 -24.39
N ILE B 303 8.11 -21.14 -23.86
CA ILE B 303 8.86 -22.40 -24.10
C ILE B 303 9.50 -22.89 -22.80
N SER B 304 9.99 -24.13 -22.83
CA SER B 304 10.54 -24.80 -21.64
C SER B 304 12.07 -24.94 -21.69
N LEU B 305 12.72 -24.66 -20.56
CA LEU B 305 14.16 -24.91 -20.37
C LEU B 305 14.35 -25.68 -19.05
N ASP B 306 14.66 -26.98 -19.17
CA ASP B 306 14.77 -27.90 -18.02
C ASP B 306 13.49 -27.95 -17.18
N GLY B 307 12.35 -28.03 -17.85
CA GLY B 307 11.04 -28.06 -17.19
C GLY B 307 10.66 -26.77 -16.47
N VAL B 308 11.09 -25.63 -17.01
CA VAL B 308 10.77 -24.31 -16.47
C VAL B 308 10.28 -23.42 -17.60
N ASP B 309 9.14 -22.77 -17.39
CA ASP B 309 8.58 -21.84 -18.39
C ASP B 309 9.48 -20.60 -18.54
N VAL B 310 9.78 -20.27 -19.79
CA VAL B 310 10.57 -19.08 -20.11
C VAL B 310 9.65 -18.16 -20.90
N PRO B 311 9.16 -17.06 -20.27
CA PRO B 311 8.21 -16.18 -20.93
C PRO B 311 8.91 -15.19 -21.87
N LEU B 312 9.39 -15.71 -23.00
CA LEU B 312 10.19 -14.92 -23.95
C LEU B 312 9.38 -14.42 -25.15
N GLY B 313 8.07 -14.21 -24.95
CA GLY B 313 7.20 -13.66 -25.98
C GLY B 313 7.29 -12.14 -26.06
N THR B 314 6.89 -11.61 -27.22
CA THR B 314 6.85 -10.17 -27.46
C THR B 314 5.76 -9.51 -26.60
N GLY B 315 5.99 -8.24 -26.24
CA GLY B 315 5.06 -7.49 -25.41
C GLY B 315 3.74 -7.17 -26.10
N ILE B 316 2.64 -7.55 -25.46
CA ILE B 316 1.28 -7.24 -25.92
C ILE B 316 0.47 -6.67 -24.77
N SER B 317 -0.67 -6.06 -25.08
CA SER B 317 -1.54 -5.50 -24.05
C SER B 317 -2.19 -6.62 -23.24
N SER B 318 -1.99 -6.58 -21.92
CA SER B 318 -2.66 -7.51 -21.00
C SER B 318 -4.14 -7.14 -20.89
N GLY B 319 -4.95 -8.10 -20.45
CA GLY B 319 -6.38 -7.84 -20.19
C GLY B 319 -6.59 -7.25 -18.80
N VAL B 320 -5.93 -6.12 -18.54
CA VAL B 320 -5.86 -5.52 -17.20
C VAL B 320 -5.87 -4.00 -17.30
N ASN B 321 -6.67 -3.37 -16.45
CA ASN B 321 -6.81 -1.92 -16.38
C ASN B 321 -6.88 -1.46 -14.93
N ASP B 322 -6.64 -0.17 -14.70
CA ASP B 322 -6.50 0.41 -13.36
C ASP B 322 -5.35 -0.28 -12.60
N THR B 323 -4.13 0.07 -12.95
CA THR B 323 -2.93 -0.47 -12.31
C THR B 323 -1.79 0.54 -12.32
N SER B 324 -0.96 0.49 -11.27
CA SER B 324 0.20 1.36 -11.14
C SER B 324 1.38 0.91 -12.02
N LEU B 325 1.40 -0.39 -12.36
CA LEU B 325 2.54 -1.00 -13.02
C LEU B 325 2.38 -1.00 -14.54
N LEU B 326 3.44 -0.58 -15.23
CA LEU B 326 3.51 -0.70 -16.68
C LEU B 326 3.74 -2.15 -17.10
N TYR B 327 4.64 -2.83 -16.38
CA TYR B 327 5.03 -4.21 -16.71
C TYR B 327 4.85 -5.14 -15.52
N ASN B 328 4.85 -6.43 -15.80
CA ASN B 328 4.66 -7.44 -14.77
C ASN B 328 5.77 -7.47 -13.72
N GLU B 329 5.46 -8.11 -12.61
CA GLU B 329 6.33 -8.14 -11.45
C GLU B 329 6.00 -9.37 -10.62
N TYR B 330 7.02 -10.06 -10.12
CA TYR B 330 6.83 -11.30 -9.36
C TYR B 330 7.62 -11.24 -8.06
N ILE B 331 6.95 -11.48 -6.94
CA ILE B 331 7.58 -11.39 -5.61
C ILE B 331 7.34 -12.64 -4.79
N VAL B 332 8.42 -13.16 -4.19
CA VAL B 332 8.36 -14.29 -3.27
C VAL B 332 8.88 -13.86 -1.90
N TYR B 333 8.33 -14.46 -0.84
CA TYR B 333 8.60 -14.06 0.55
C TYR B 333 9.26 -15.18 1.35
N ASP B 334 9.90 -16.10 0.63
CA ASP B 334 10.68 -17.19 1.21
C ASP B 334 11.88 -17.38 0.29
N ILE B 335 13.09 -17.29 0.86
CA ILE B 335 14.33 -17.38 0.08
C ILE B 335 14.53 -18.72 -0.62
N ALA B 336 13.95 -19.78 -0.05
CA ALA B 336 14.03 -21.13 -0.62
C ALA B 336 13.27 -21.34 -1.93
N GLN B 337 12.40 -20.38 -2.31
CA GLN B 337 11.68 -20.45 -3.59
C GLN B 337 12.48 -19.98 -4.82
N VAL B 338 13.75 -19.61 -4.65
CA VAL B 338 14.58 -19.14 -5.76
C VAL B 338 15.76 -20.10 -5.94
N ASN B 339 15.98 -20.53 -7.17
CA ASN B 339 17.20 -21.25 -7.56
C ASN B 339 17.83 -20.49 -8.72
N LEU B 340 18.97 -19.85 -8.46
CA LEU B 340 19.66 -19.04 -9.46
C LEU B 340 20.36 -19.93 -10.48
N LYS B 341 20.07 -19.70 -11.77
CA LYS B 341 20.54 -20.55 -12.85
C LYS B 341 21.65 -19.90 -13.66
N TYR B 342 21.39 -18.69 -14.16
CA TYR B 342 22.35 -17.99 -15.04
C TYR B 342 22.65 -16.57 -14.58
N LEU B 343 23.81 -16.07 -15.01
CA LEU B 343 24.24 -14.70 -14.77
C LEU B 343 24.73 -14.14 -16.11
N LEU B 344 24.13 -13.03 -16.54
CA LEU B 344 24.49 -12.38 -17.79
C LEU B 344 25.32 -11.12 -17.53
N LYS B 345 26.42 -10.96 -18.27
CA LYS B 345 27.11 -9.68 -18.34
C LYS B 345 26.60 -8.97 -19.59
N LEU B 346 26.01 -7.79 -19.38
CA LEU B 346 25.36 -7.05 -20.46
C LEU B 346 26.03 -5.69 -20.65
N LYS B 347 26.19 -5.31 -21.92
CA LYS B 347 26.65 -3.97 -22.29
C LYS B 347 25.42 -3.11 -22.58
N PHE B 348 25.30 -2.00 -21.87
CA PHE B 348 24.25 -1.01 -22.11
C PHE B 348 24.78 0.03 -23.10
N ASN B 349 24.26 0.03 -24.33
CA ASN B 349 24.59 1.06 -25.31
C ASN B 349 23.53 2.16 -25.25
N PHE B 350 23.88 3.28 -24.64
CA PHE B 350 22.94 4.38 -24.43
C PHE B 350 22.71 5.19 -25.71
N LYS B 351 21.49 5.69 -25.85
CA LYS B 351 21.06 6.42 -27.05
C LYS B 351 21.17 7.92 -26.81
N THR B 352 21.69 8.65 -27.81
CA THR B 352 21.76 10.12 -27.78
C THR B 352 21.50 10.72 -29.16
C49 4YR C . -19.14 6.20 -2.35
C50 4YR C . -20.10 7.27 -1.84
C48 4YR C . -19.57 6.21 -0.89
C45 4YR C . -18.54 6.67 0.10
N27 4YR C . -18.34 5.61 1.11
C28 4YR C . -17.57 6.18 2.19
C26 4YR C . -17.41 4.60 0.56
C25 4YR C . -17.17 3.79 1.78
C24 4YR C . -17.11 4.87 2.85
N22 4YR C . -15.74 5.05 3.31
C21 4YR C . -15.13 4.20 4.13
O23 4YR C . -15.68 3.10 4.71
C19 4YR C . -13.86 4.59 4.52
C18 4YR C . -13.78 5.29 5.72
C14 4YR C . -12.73 4.36 3.75
F20 4YR C . -12.80 3.69 2.56
C15 4YR C . -11.49 4.81 4.21
C16 4YR C . -11.40 5.50 5.43
C17 4YR C . -12.55 5.74 6.20
C13 4YR C . -12.41 6.43 7.37
N7 4YR C . -13.36 6.00 8.46
C1 4YR C . -13.03 4.97 9.32
C6 4YR C . -11.82 4.26 9.24
C5 4YR C . -11.53 3.23 10.12
C4 4YR C . -12.43 2.86 11.12
C3 4YR C . -13.64 3.55 11.22
C2 4YR C . -13.94 4.60 10.33
C8 4YR C . -15.15 5.30 10.42
O11 4YR C . -16.03 4.95 11.39
N9 4YR C . -15.42 6.28 9.56
C10 4YR C . -14.55 6.63 8.61
O12 4YR C . -14.92 7.64 7.79
C49 4YR D . 19.21 -6.30 1.37
C50 4YR D . 20.60 -6.62 0.83
C48 4YR D . 19.42 -7.50 0.42
C45 4YR D . 18.97 -7.38 -1.03
N27 4YR D . 17.60 -7.93 -1.07
C28 4YR D . 17.09 -7.98 -2.44
C26 4YR D . 16.69 -7.08 -0.32
C25 4YR D . 15.42 -7.78 -0.61
C24 4YR D . 15.57 -7.98 -2.11
N22 4YR D . 14.89 -6.85 -2.72
C21 4YR D . 14.19 -6.94 -3.85
O23 4YR D . 14.06 -8.05 -4.62
C19 4YR D . 13.57 -5.78 -4.28
C18 4YR D . 13.91 -5.24 -5.52
C14 4YR D . 12.63 -5.14 -3.47
F20 4YR D . 12.30 -5.64 -2.25
C15 4YR D . 12.01 -3.97 -3.92
C16 4YR D . 12.34 -3.44 -5.16
C17 4YR D . 13.29 -4.07 -5.98
C13 4YR D . 13.57 -3.47 -7.18
N7 4YR D . 13.90 -4.47 -8.28
C1 4YR D . 12.93 -5.06 -9.06
C6 4YR D . 11.57 -4.80 -8.87
C5 4YR D . 10.62 -5.42 -9.67
C4 4YR D . 10.99 -6.30 -10.67
C3 4YR D . 12.33 -6.58 -10.88
C2 4YR D . 13.30 -5.96 -10.08
C8 4YR D . 14.66 -6.21 -10.26
O11 4YR D . 15.05 -7.07 -11.24
N9 4YR D . 15.57 -5.61 -9.48
C10 4YR D . 15.20 -4.75 -8.52
O12 4YR D . 16.18 -4.18 -7.77
#